data_8Z5D
#
_entry.id   8Z5D
#
_cell.length_a   57.318
_cell.length_b   150.888
_cell.length_c   72.269
_cell.angle_alpha   90.00
_cell.angle_beta   113.33
_cell.angle_gamma   90.00
#
_symmetry.space_group_name_H-M   'P 1 21 1'
#
loop_
_entity.id
_entity.type
_entity.pdbx_description
1 polymer '3-oxoacyl-[acyl-carrier-protein] synthase 2'
2 polymer 'Acyl carrier protein'
3 non-polymer 'HEXANOIC ACID'
4 non-polymer N~3~-[(2S)-2-hydroxy-3,3-dimethyl-4-(phosphonooxy)butanoyl]-N-(2-sulfanylethyl)-beta-alaninamide
5 water water
#
loop_
_entity_poly.entity_id
_entity_poly.type
_entity_poly.pdbx_seq_one_letter_code
_entity_poly.pdbx_strand_id
1 'polypeptide(L)'
;MRRIVVTGMGMINSLGLNKEDSFLAIAKGECGIKHIESFDASAFPVRIAGEITDFDPTEVMNPKDVKKAGRFIQLALKAT
REAMKDSGILDAHNRCPEELANRMGVSSGSGIGGLGNIEANSIFCFEKGPRKVNPFFITSALVNMIGGFTSIEFGIKGPN
LSSVTACAAGTHAIIEAVKTILLNGADRMLVVGAESTICPVGIGGFASIKALSTRNDEPKKASRPFDKDRNGFVMGEGAG
ALVLEEYESAKKRGAKIYAEFAGYGESGDANHITAPAPEGEGAFRAMKMALEMAKVEVGYVNAHGTSTHYNDLYESIALK
NVFGSKEKVPPVSSTAGQIGHCLGAAGALEAVISIMAMNQGILPPTINQETPDPECDLDYIPNAAREKQVDAVMSNSFGF
GGTNGVVIFKKA
;
A,B
2 'polypeptide(L)'
;GTSSMGYLMALFEDIQAVIAEQLNVDAAQVTPEAEFVKDLGADSLDVVELIMALEEKFGIEIPDEQAEKIVNVGDVVKYI
EDNKLA
;
C,D
#
# COMPACT_ATOMS: atom_id res chain seq x y z
N MET A 1 22.33 -0.62 -20.15
CA MET A 1 22.82 -0.59 -18.75
C MET A 1 23.04 -2.04 -18.29
N ARG A 2 22.98 -2.30 -16.99
CA ARG A 2 23.18 -3.67 -16.45
C ARG A 2 22.13 -4.59 -17.07
N ARG A 3 22.47 -5.89 -17.16
CA ARG A 3 21.57 -6.87 -17.83
C ARG A 3 20.77 -7.63 -16.77
N ILE A 4 19.48 -7.84 -17.05
CA ILE A 4 18.60 -8.49 -16.04
C ILE A 4 17.90 -9.70 -16.64
N VAL A 5 18.04 -10.85 -15.98
CA VAL A 5 17.40 -12.08 -16.42
C VAL A 5 16.49 -12.62 -15.32
N VAL A 6 15.55 -13.46 -15.73
CA VAL A 6 14.65 -14.17 -14.83
C VAL A 6 15.24 -15.57 -14.63
N THR A 7 15.54 -15.92 -13.37
CA THR A 7 16.14 -17.22 -13.07
C THR A 7 15.29 -18.12 -12.19
N GLY A 8 14.08 -17.73 -11.81
CA GLY A 8 13.19 -18.61 -11.09
C GLY A 8 11.80 -18.01 -11.04
N MET A 9 10.76 -18.86 -11.01
CA MET A 9 9.39 -18.37 -11.11
C MET A 9 8.49 -19.24 -10.24
N GLY A 10 7.42 -18.65 -9.75
CA GLY A 10 6.41 -19.41 -9.01
C GLY A 10 5.07 -18.74 -9.08
N MET A 11 4.00 -19.52 -8.93
CA MET A 11 2.69 -18.86 -8.92
C MET A 11 1.65 -19.81 -8.35
N ILE A 12 0.65 -19.20 -7.74
CA ILE A 12 -0.50 -19.92 -7.21
C ILE A 12 -1.73 -19.12 -7.56
N ASN A 13 -2.78 -19.82 -7.98
CA ASN A 13 -4.01 -19.15 -8.32
C ASN A 13 -5.12 -20.19 -8.26
N SER A 14 -6.32 -19.79 -8.67
CA SER A 14 -7.49 -20.66 -8.61
C SER A 14 -7.43 -21.85 -9.58
N LEU A 15 -6.40 -21.96 -10.42
CA LEU A 15 -6.25 -23.15 -11.27
C LEU A 15 -4.99 -23.97 -10.97
N GLY A 16 -4.26 -23.64 -9.91
CA GLY A 16 -3.14 -24.49 -9.51
C GLY A 16 -2.32 -23.95 -8.37
N LEU A 17 -1.58 -24.83 -7.67
CA LEU A 17 -0.76 -24.44 -6.53
C LEU A 17 0.69 -24.16 -6.91
N ASN A 18 1.08 -24.38 -8.17
CA ASN A 18 2.42 -24.12 -8.66
C ASN A 18 2.30 -23.73 -10.13
N LYS A 19 3.39 -23.23 -10.71
CA LYS A 19 3.28 -22.65 -12.04
C LYS A 19 3.05 -23.71 -13.12
N GLU A 20 3.46 -24.91 -12.93
CA GLU A 20 3.27 -25.97 -13.95
C GLU A 20 1.82 -26.38 -14.05
N ASP A 21 1.22 -26.76 -12.94
CA ASP A 21 -0.19 -27.13 -12.98
C ASP A 21 -1.04 -25.98 -13.45
N SER A 22 -0.76 -24.79 -12.95
CA SER A 22 -1.59 -23.64 -13.24
C SER A 22 -1.51 -23.27 -14.71
N PHE A 23 -0.29 -23.15 -15.24
CA PHE A 23 -0.15 -22.75 -16.65
C PHE A 23 -0.79 -23.78 -17.57
N LEU A 24 -0.57 -25.06 -17.30
CA LEU A 24 -1.22 -26.11 -18.08
C LEU A 24 -2.73 -25.90 -18.13
N ALA A 25 -3.36 -25.79 -16.95
CA ALA A 25 -4.80 -25.56 -16.91
C ALA A 25 -5.19 -24.29 -17.66
N ILE A 26 -4.39 -23.22 -17.51
CA ILE A 26 -4.72 -21.97 -18.18
C ILE A 26 -4.59 -22.11 -19.70
N ALA A 27 -3.54 -22.79 -20.16
CA ALA A 27 -3.37 -22.95 -21.59
C ALA A 27 -4.46 -23.82 -22.19
N LYS A 28 -5.02 -24.71 -21.36
CA LYS A 28 -6.10 -25.61 -21.79
C LYS A 28 -7.43 -24.90 -21.71
N GLY A 29 -7.44 -23.66 -21.26
CA GLY A 29 -8.70 -22.96 -21.24
C GLY A 29 -9.65 -23.39 -20.14
N GLU A 30 -9.10 -23.81 -19.03
CA GLU A 30 -9.89 -24.24 -17.88
C GLU A 30 -10.27 -23.00 -17.10
N CYS A 31 -11.27 -23.10 -16.25
CA CYS A 31 -11.66 -21.92 -15.50
C CYS A 31 -11.78 -22.24 -14.02
N GLY A 32 -11.11 -21.45 -13.18
CA GLY A 32 -11.11 -21.58 -11.74
C GLY A 32 -12.16 -20.76 -10.99
N ILE A 33 -13.01 -20.03 -11.71
CA ILE A 33 -14.08 -19.28 -11.06
C ILE A 33 -15.10 -20.26 -10.50
N LYS A 34 -15.57 -19.99 -9.29
CA LYS A 34 -16.56 -20.84 -8.65
C LYS A 34 -17.44 -19.99 -7.76
N HIS A 35 -18.31 -20.65 -7.05
CA HIS A 35 -19.17 -19.91 -6.15
C HIS A 35 -18.38 -19.61 -4.89
N ILE A 36 -18.71 -18.46 -4.38
CA ILE A 36 -17.94 -18.08 -3.19
C ILE A 36 -18.32 -18.98 -2.02
N GLU A 37 -17.34 -19.28 -1.19
CA GLU A 37 -17.59 -20.19 -0.08
C GLU A 37 -16.66 -19.83 1.06
N SER A 38 -15.79 -18.84 0.87
CA SER A 38 -14.95 -18.45 2.00
C SER A 38 -15.66 -17.48 2.94
N PHE A 39 -16.81 -16.95 2.53
CA PHE A 39 -17.71 -16.28 3.47
C PHE A 39 -19.14 -16.50 2.95
N ASP A 40 -20.12 -16.08 3.74
CA ASP A 40 -21.51 -16.30 3.35
C ASP A 40 -21.92 -15.16 2.43
N ALA A 41 -21.99 -15.44 1.14
CA ALA A 41 -22.37 -14.45 0.15
C ALA A 41 -23.80 -14.63 -0.34
N SER A 42 -24.61 -15.37 0.42
CA SER A 42 -25.94 -15.73 -0.10
C SER A 42 -26.82 -14.50 -0.27
N ALA A 43 -26.64 -13.47 0.54
CA ALA A 43 -27.37 -12.21 0.40
C ALA A 43 -26.63 -11.18 -0.46
N PHE A 44 -25.57 -11.61 -1.25
CA PHE A 44 -24.81 -10.62 -1.99
C PHE A 44 -25.23 -10.58 -3.45
N PRO A 45 -25.07 -9.43 -4.13
CA PRO A 45 -25.39 -9.37 -5.56
C PRO A 45 -24.32 -10.04 -6.43
N VAL A 46 -23.14 -10.33 -5.88
CA VAL A 46 -22.06 -11.01 -6.57
C VAL A 46 -21.62 -12.15 -5.69
N ARG A 47 -21.65 -13.38 -6.23
CA ARG A 47 -21.49 -14.58 -5.41
C ARG A 47 -20.47 -15.51 -6.02
N ILE A 48 -19.60 -14.99 -6.88
CA ILE A 48 -18.62 -15.79 -7.61
C ILE A 48 -17.27 -15.13 -7.51
N ALA A 49 -16.20 -15.94 -7.56
CA ALA A 49 -14.84 -15.43 -7.41
C ALA A 49 -13.87 -16.52 -7.82
N GLY A 50 -12.64 -16.10 -8.14
CA GLY A 50 -11.58 -17.07 -8.33
C GLY A 50 -10.93 -17.50 -7.04
N GLU A 51 -11.67 -18.28 -6.23
CA GLU A 51 -11.16 -18.76 -4.95
C GLU A 51 -10.26 -19.97 -5.13
N ILE A 52 -9.20 -20.03 -4.33
CA ILE A 52 -8.31 -21.18 -4.31
C ILE A 52 -8.78 -22.07 -3.17
N THR A 53 -9.25 -23.27 -3.52
CA THR A 53 -9.91 -24.11 -2.52
C THR A 53 -8.99 -25.20 -1.99
N ASP A 54 -7.86 -25.47 -2.64
CA ASP A 54 -6.96 -26.53 -2.21
C ASP A 54 -5.71 -26.01 -1.51
N PHE A 55 -5.70 -24.76 -1.07
CA PHE A 55 -4.51 -24.21 -0.43
C PHE A 55 -4.51 -24.49 1.06
N ASP A 56 -3.42 -25.07 1.55
CA ASP A 56 -3.20 -25.31 2.97
C ASP A 56 -2.05 -24.45 3.48
N PRO A 57 -2.32 -23.39 4.26
CA PRO A 57 -1.23 -22.52 4.73
C PRO A 57 -0.18 -23.24 5.56
N THR A 58 -0.58 -24.30 6.28
CA THR A 58 0.34 -25.07 7.11
C THR A 58 1.40 -25.81 6.30
N GLU A 59 1.26 -25.89 4.97
CA GLU A 59 2.29 -26.45 4.11
C GLU A 59 3.41 -25.46 3.80
N VAL A 60 3.16 -24.16 3.99
CA VAL A 60 4.19 -23.14 3.76
C VAL A 60 4.67 -22.51 5.05
N MET A 61 3.89 -22.56 6.12
CA MET A 61 4.18 -21.91 7.37
C MET A 61 4.12 -22.93 8.50
N ASN A 62 4.96 -22.73 9.52
CA ASN A 62 4.70 -23.36 10.80
C ASN A 62 3.25 -23.09 11.20
N PRO A 63 2.49 -24.10 11.62
CA PRO A 63 1.07 -23.88 11.95
C PRO A 63 0.85 -22.75 12.95
N LYS A 64 1.85 -22.45 13.76
CA LYS A 64 1.67 -21.43 14.83
C LYS A 64 1.73 -20.04 14.21
N ASP A 65 2.35 -19.84 13.07
CA ASP A 65 2.51 -18.51 12.48
C ASP A 65 1.48 -18.26 11.38
N VAL A 66 0.61 -19.23 11.09
CA VAL A 66 -0.44 -18.93 10.11
C VAL A 66 -1.27 -17.74 10.58
N LYS A 67 -1.41 -17.56 11.88
CA LYS A 67 -2.29 -16.53 12.49
C LYS A 67 -1.65 -15.16 12.40
N LYS A 68 -0.38 -15.13 11.99
CA LYS A 68 0.29 -13.82 11.98
C LYS A 68 0.24 -13.25 10.55
N ALA A 69 -0.26 -14.01 9.58
CA ALA A 69 -0.18 -13.51 8.21
C ALA A 69 -1.56 -13.49 7.58
N GLY A 70 -1.92 -12.35 6.99
CA GLY A 70 -3.10 -12.33 6.14
C GLY A 70 -2.99 -13.36 5.02
N ARG A 71 -4.09 -13.68 4.38
CA ARG A 71 -4.12 -14.74 3.35
C ARG A 71 -3.29 -14.36 2.14
N PHE A 72 -3.17 -13.09 1.89
CA PHE A 72 -2.33 -12.65 0.76
C PHE A 72 -0.86 -12.93 1.03
N ILE A 73 -0.40 -12.74 2.28
CA ILE A 73 0.97 -13.08 2.64
C ILE A 73 1.19 -14.58 2.56
N GLN A 74 0.22 -15.37 3.03
CA GLN A 74 0.37 -16.82 2.92
C GLN A 74 0.53 -17.24 1.47
N LEU A 75 -0.23 -16.62 0.56
CA LEU A 75 -0.08 -16.97 -0.85
C LEU A 75 1.26 -16.51 -1.38
N ALA A 76 1.75 -15.36 -0.90
CA ALA A 76 3.06 -14.87 -1.32
C ALA A 76 4.16 -15.81 -0.87
N LEU A 77 4.06 -16.35 0.34
CA LEU A 77 5.08 -17.30 0.80
C LEU A 77 5.05 -18.57 -0.05
N LYS A 78 3.86 -19.04 -0.41
CA LYS A 78 3.80 -20.19 -1.31
C LYS A 78 4.50 -19.89 -2.63
N ALA A 79 4.21 -18.74 -3.24
CA ALA A 79 4.76 -18.48 -4.58
C ALA A 79 6.26 -18.17 -4.52
N THR A 80 6.69 -17.44 -3.48
CA THR A 80 8.10 -17.08 -3.43
C THR A 80 8.95 -18.29 -3.07
N ARG A 81 8.43 -19.18 -2.22
CA ARG A 81 9.17 -20.40 -1.92
C ARG A 81 9.40 -21.20 -3.21
N GLU A 82 8.36 -21.34 -4.03
CA GLU A 82 8.52 -22.05 -5.30
C GLU A 82 9.58 -21.40 -6.18
N ALA A 83 9.54 -20.06 -6.31
CA ALA A 83 10.48 -19.37 -7.20
C ALA A 83 11.91 -19.40 -6.66
N MET A 84 12.07 -19.21 -5.36
CA MET A 84 13.39 -19.29 -4.73
C MET A 84 13.99 -20.67 -4.92
N LYS A 85 13.25 -21.72 -4.56
CA LYS A 85 13.69 -23.09 -4.82
C LYS A 85 14.03 -23.27 -6.29
N ASP A 86 13.15 -22.78 -7.16
CA ASP A 86 13.35 -22.90 -8.59
C ASP A 86 14.65 -22.24 -9.04
N SER A 87 15.10 -21.21 -8.31
CA SER A 87 16.27 -20.44 -8.74
C SER A 87 17.59 -21.14 -8.44
N GLY A 88 17.59 -22.14 -7.56
CA GLY A 88 18.82 -22.76 -7.11
C GLY A 88 19.66 -21.89 -6.20
N ILE A 89 19.15 -20.75 -5.75
CA ILE A 89 19.93 -19.84 -4.93
C ILE A 89 20.07 -20.36 -3.49
N LEU A 90 19.12 -21.17 -3.02
CA LEU A 90 19.03 -21.47 -1.61
C LEU A 90 20.10 -22.47 -1.18
N ASP A 91 20.57 -22.32 0.06
CA ASP A 91 21.57 -23.20 0.64
C ASP A 91 20.86 -24.41 1.26
N ALA A 92 21.63 -25.23 2.00
CA ALA A 92 21.07 -26.44 2.62
C ALA A 92 19.98 -26.14 3.64
N HIS A 93 19.96 -24.94 4.21
CA HIS A 93 18.94 -24.55 5.18
C HIS A 93 17.86 -23.69 4.55
N ASN A 94 17.78 -23.69 3.21
CA ASN A 94 16.71 -23.01 2.49
C ASN A 94 16.73 -21.50 2.75
N ARG A 95 17.92 -20.97 2.96
CA ARG A 95 18.09 -19.52 3.18
C ARG A 95 19.09 -19.02 2.16
N CYS A 96 19.13 -17.75 1.86
CA CYS A 96 20.10 -17.15 0.98
C CYS A 96 21.49 -17.26 1.59
N PRO A 97 22.50 -17.65 0.81
CA PRO A 97 23.89 -17.64 1.31
C PRO A 97 24.24 -16.27 1.88
N GLU A 98 24.91 -16.29 3.03
CA GLU A 98 25.13 -15.06 3.81
C GLU A 98 25.96 -14.05 3.05
N GLU A 99 26.84 -14.49 2.16
CA GLU A 99 27.67 -13.55 1.40
C GLU A 99 26.98 -13.00 0.16
N LEU A 100 25.81 -13.52 -0.19
CA LEU A 100 24.97 -12.92 -1.21
C LEU A 100 23.81 -12.13 -0.63
N ALA A 101 23.61 -12.19 0.70
CA ALA A 101 22.33 -11.75 1.28
C ALA A 101 22.14 -10.25 1.21
N ASN A 102 23.22 -9.47 1.38
CA ASN A 102 23.07 -8.02 1.41
C ASN A 102 22.74 -7.43 0.05
N ARG A 103 22.99 -8.18 -1.02
CA ARG A 103 22.79 -7.66 -2.37
C ARG A 103 21.57 -8.30 -3.05
N MET A 104 20.76 -9.06 -2.30
CA MET A 104 19.48 -9.60 -2.77
C MET A 104 18.37 -8.94 -1.96
N GLY A 105 17.51 -8.17 -2.63
CA GLY A 105 16.35 -7.57 -2.01
C GLY A 105 15.04 -8.19 -2.45
N VAL A 106 13.96 -7.49 -2.11
CA VAL A 106 12.61 -7.99 -2.37
C VAL A 106 11.73 -6.80 -2.75
N SER A 107 11.01 -6.96 -3.86
CA SER A 107 10.05 -5.97 -4.32
C SER A 107 8.68 -6.64 -4.31
N SER A 108 7.76 -6.11 -3.50
CA SER A 108 6.43 -6.68 -3.21
C SER A 108 5.34 -5.80 -3.76
N GLY A 109 4.28 -6.41 -4.24
CA GLY A 109 3.16 -5.62 -4.71
C GLY A 109 1.82 -6.18 -4.25
N SER A 110 0.90 -5.29 -3.87
CA SER A 110 -0.47 -5.63 -3.55
C SER A 110 -1.31 -4.36 -3.60
N GLY A 111 -2.61 -4.54 -3.85
CA GLY A 111 -3.51 -3.40 -3.87
C GLY A 111 -3.93 -2.93 -2.49
N ILE A 112 -4.26 -3.86 -1.59
CA ILE A 112 -4.74 -3.45 -0.28
C ILE A 112 -4.23 -4.39 0.82
N GLY A 113 -3.69 -5.54 0.44
CA GLY A 113 -3.13 -6.42 1.46
C GLY A 113 -4.24 -7.08 2.28
N GLY A 114 -4.09 -7.05 3.61
CA GLY A 114 -4.98 -7.81 4.48
C GLY A 114 -6.36 -7.21 4.74
N LEU A 115 -7.19 -7.06 3.71
CA LEU A 115 -8.50 -6.37 3.88
C LEU A 115 -9.40 -7.16 4.84
N GLY A 116 -9.51 -8.46 4.62
CA GLY A 116 -10.28 -9.27 5.55
C GLY A 116 -9.81 -9.14 6.99
N ASN A 117 -8.52 -8.93 7.20
CA ASN A 117 -8.03 -8.75 8.58
C ASN A 117 -8.42 -7.38 9.13
N ILE A 118 -8.38 -6.34 8.29
CA ILE A 118 -8.80 -5.02 8.72
C ILE A 118 -10.29 -5.02 9.03
N GLU A 119 -11.07 -5.62 8.14
CA GLU A 119 -12.51 -5.74 8.34
C GLU A 119 -12.83 -6.45 9.65
N ALA A 120 -12.18 -7.61 9.89
CA ALA A 120 -12.48 -8.38 11.10
C ALA A 120 -12.16 -7.59 12.36
N ASN A 121 -10.98 -6.97 12.42
CA ASN A 121 -10.61 -6.25 13.62
C ASN A 121 -11.37 -4.95 13.77
N SER A 122 -11.77 -4.31 12.66
CA SER A 122 -12.66 -3.16 12.76
C SER A 122 -13.94 -3.55 13.49
N ILE A 123 -14.46 -4.74 13.18
CA ILE A 123 -15.71 -5.20 13.74
C ILE A 123 -15.54 -5.60 15.20
N PHE A 124 -14.46 -6.33 15.53
CA PHE A 124 -14.14 -6.59 16.94
C PHE A 124 -14.14 -5.29 17.76
N CYS A 125 -13.41 -4.28 17.30
CA CYS A 125 -13.30 -3.04 18.04
C CYS A 125 -14.66 -2.39 18.23
N PHE A 126 -15.46 -2.35 17.17
CA PHE A 126 -16.75 -1.66 17.23
C PHE A 126 -17.71 -2.36 18.18
N GLU A 127 -17.71 -3.70 18.18
CA GLU A 127 -18.68 -4.49 18.93
C GLU A 127 -18.26 -4.70 20.38
N LYS A 128 -16.97 -4.88 20.65
CA LYS A 128 -16.53 -5.23 22.00
C LYS A 128 -15.34 -4.41 22.48
N GLY A 129 -14.98 -3.33 21.80
CA GLY A 129 -13.93 -2.45 22.28
C GLY A 129 -12.52 -2.78 21.83
N PRO A 130 -11.59 -1.86 22.08
CA PRO A 130 -10.21 -2.04 21.59
C PRO A 130 -9.45 -3.16 22.27
N ARG A 131 -9.92 -3.71 23.39
CA ARG A 131 -9.25 -4.87 23.96
C ARG A 131 -9.53 -6.15 23.17
N LYS A 132 -10.50 -6.14 22.27
CA LYS A 132 -10.73 -7.28 21.40
C LYS A 132 -9.96 -7.18 20.08
N VAL A 133 -9.17 -6.14 19.88
CA VAL A 133 -8.34 -6.05 18.68
C VAL A 133 -7.15 -6.99 18.85
N ASN A 134 -7.00 -7.90 17.89
CA ASN A 134 -5.97 -8.92 17.99
C ASN A 134 -4.59 -8.29 17.85
N PRO A 135 -3.63 -8.69 18.68
CA PRO A 135 -2.28 -8.11 18.55
C PRO A 135 -1.62 -8.44 17.21
N PHE A 136 -2.03 -9.49 16.53
CA PHE A 136 -1.33 -9.80 15.27
C PHE A 136 -2.01 -9.08 14.10
N PHE A 137 -3.00 -8.23 14.36
CA PHE A 137 -3.72 -7.52 13.32
C PHE A 137 -2.78 -6.75 12.38
N ILE A 138 -2.12 -5.70 12.85
CA ILE A 138 -1.35 -4.79 11.94
C ILE A 138 -0.34 -5.55 11.08
N THR A 139 0.46 -6.41 11.70
CA THR A 139 1.50 -7.06 10.91
C THR A 139 0.96 -8.20 10.05
N SER A 140 -0.30 -8.56 10.22
CA SER A 140 -0.93 -9.49 9.30
C SER A 140 -1.48 -8.78 8.07
N ALA A 141 -1.65 -7.45 8.12
CA ALA A 141 -2.46 -6.72 7.16
C ALA A 141 -1.69 -5.81 6.22
N LEU A 142 -0.59 -5.22 6.67
CA LEU A 142 0.15 -4.25 5.85
C LEU A 142 0.67 -4.90 4.57
N VAL A 143 0.58 -4.14 3.47
CA VAL A 143 1.00 -4.66 2.16
C VAL A 143 2.47 -5.05 2.18
N ASN A 144 3.31 -4.25 2.86
CA ASN A 144 4.74 -4.49 2.82
C ASN A 144 5.15 -5.67 3.67
N MET A 145 4.24 -6.25 4.45
CA MET A 145 4.57 -7.46 5.17
C MET A 145 4.79 -8.64 4.24
N ILE A 146 4.39 -8.55 2.96
CA ILE A 146 4.84 -9.54 1.99
C ILE A 146 6.36 -9.58 1.94
N GLY A 147 6.99 -8.40 1.82
CA GLY A 147 8.43 -8.31 1.83
C GLY A 147 9.00 -8.59 3.21
N GLY A 148 8.29 -8.18 4.25
CA GLY A 148 8.72 -8.51 5.60
C GLY A 148 8.83 -10.01 5.82
N PHE A 149 7.73 -10.74 5.61
CA PHE A 149 7.76 -12.18 5.89
C PHE A 149 8.73 -12.92 4.97
N THR A 150 8.76 -12.54 3.68
CA THR A 150 9.62 -13.26 2.73
C THR A 150 11.09 -12.97 2.99
N SER A 151 11.46 -11.72 3.27
CA SER A 151 12.87 -11.44 3.53
C SER A 151 13.36 -12.23 4.75
N ILE A 152 12.50 -12.39 5.76
CA ILE A 152 12.87 -13.16 6.95
C ILE A 152 12.98 -14.65 6.62
N GLU A 153 12.06 -15.16 5.79
CA GLU A 153 12.08 -16.60 5.49
C GLU A 153 13.30 -16.99 4.66
N PHE A 154 13.79 -16.11 3.80
CA PHE A 154 14.88 -16.42 2.91
C PHE A 154 16.18 -15.74 3.31
N GLY A 155 16.14 -14.89 4.32
CA GLY A 155 17.35 -14.19 4.75
C GLY A 155 17.92 -13.25 3.72
N ILE A 156 17.08 -12.45 3.06
CA ILE A 156 17.55 -11.57 2.00
C ILE A 156 17.47 -10.14 2.51
N LYS A 157 18.60 -9.43 2.45
CA LYS A 157 18.75 -8.22 3.22
C LYS A 157 18.92 -6.98 2.34
N GLY A 158 18.73 -7.11 1.03
CA GLY A 158 18.79 -5.98 0.12
C GLY A 158 17.58 -5.07 0.23
N PRO A 159 17.48 -4.11 -0.69
CA PRO A 159 16.34 -3.18 -0.66
C PRO A 159 15.02 -3.90 -0.56
N ASN A 160 14.17 -3.42 0.34
CA ASN A 160 12.92 -4.10 0.72
C ASN A 160 11.82 -3.09 0.41
N LEU A 161 11.19 -3.26 -0.76
CA LEU A 161 10.36 -2.23 -1.36
C LEU A 161 9.00 -2.82 -1.69
N SER A 162 7.95 -1.99 -1.54
CA SER A 162 6.54 -2.38 -1.84
C SER A 162 5.81 -1.39 -2.72
N SER A 163 5.03 -1.92 -3.63
CA SER A 163 4.26 -1.09 -4.58
C SER A 163 2.77 -1.33 -4.31
N VAL A 164 1.98 -0.26 -4.26
CA VAL A 164 0.58 -0.35 -3.90
C VAL A 164 -0.26 0.37 -4.97
N THR A 165 0.15 0.27 -6.22
CA THR A 165 -0.56 0.94 -7.31
C THR A 165 -1.72 0.10 -7.83
N ALA A 166 -2.57 -0.36 -6.92
CA ALA A 166 -3.86 -0.90 -7.27
C ALA A 166 -3.69 -2.06 -8.22
N CYS A 167 -4.44 -2.11 -9.32
CA CYS A 167 -4.40 -3.31 -10.19
C CYS A 167 -3.14 -3.30 -11.07
N ALA A 168 -2.29 -2.30 -10.93
CA ALA A 168 -0.99 -2.32 -11.61
C ALA A 168 0.19 -2.63 -10.65
N ALA A 169 -0.12 -2.90 -9.37
CA ALA A 169 0.93 -3.08 -8.36
C ALA A 169 1.88 -4.21 -8.70
N GLY A 170 1.37 -5.34 -9.23
CA GLY A 170 2.25 -6.47 -9.53
C GLY A 170 3.28 -6.12 -10.58
N THR A 171 2.87 -5.34 -11.59
CA THR A 171 3.77 -4.97 -12.66
C THR A 171 4.75 -3.89 -12.22
N HIS A 172 4.26 -2.90 -11.47
CA HIS A 172 5.15 -1.90 -10.90
C HIS A 172 6.17 -2.52 -9.96
N ALA A 173 5.79 -3.58 -9.24
CA ALA A 173 6.75 -4.27 -8.36
C ALA A 173 7.92 -4.85 -9.16
N ILE A 174 7.64 -5.47 -10.32
CA ILE A 174 8.69 -5.87 -11.26
C ILE A 174 9.56 -4.66 -11.66
N ILE A 175 8.93 -3.53 -11.98
CA ILE A 175 9.67 -2.40 -12.53
C ILE A 175 10.57 -1.79 -11.46
N GLU A 176 10.09 -1.70 -10.21
CA GLU A 176 10.93 -1.13 -9.15
C GLU A 176 12.13 -2.02 -8.88
N ALA A 177 11.93 -3.34 -8.92
CA ALA A 177 13.05 -4.27 -8.82
C ALA A 177 14.04 -4.08 -9.97
N VAL A 178 13.52 -3.92 -11.19
CA VAL A 178 14.41 -3.70 -12.34
C VAL A 178 15.20 -2.42 -12.14
N LYS A 179 14.52 -1.33 -11.76
CA LYS A 179 15.21 -0.05 -11.57
C LYS A 179 16.29 -0.17 -10.50
N THR A 180 15.97 -0.84 -9.38
CA THR A 180 16.93 -1.03 -8.30
C THR A 180 18.20 -1.73 -8.80
N ILE A 181 18.05 -2.80 -9.58
CA ILE A 181 19.21 -3.52 -10.10
C ILE A 181 19.95 -2.67 -11.13
N LEU A 182 19.21 -1.98 -12.02
CA LEU A 182 19.86 -1.11 -13.00
C LEU A 182 20.74 -0.06 -12.33
N LEU A 183 20.29 0.52 -11.21
CA LEU A 183 21.09 1.54 -10.53
C LEU A 183 22.08 0.94 -9.54
N ASN A 184 22.37 -0.33 -9.60
CA ASN A 184 23.44 -0.94 -8.77
C ASN A 184 23.04 -1.12 -7.30
N GLY A 185 21.77 -1.00 -6.99
CA GLY A 185 21.37 -1.15 -5.60
C GLY A 185 21.20 -2.57 -5.15
N ALA A 186 21.21 -3.51 -6.09
CA ALA A 186 21.13 -4.93 -5.79
C ALA A 186 21.61 -5.72 -7.01
N ASP A 187 22.05 -6.95 -6.76
CA ASP A 187 22.39 -7.84 -7.86
C ASP A 187 21.28 -8.82 -8.19
N ARG A 188 20.36 -9.05 -7.24
CA ARG A 188 19.22 -9.93 -7.40
C ARG A 188 18.04 -9.32 -6.66
N MET A 189 16.84 -9.59 -7.15
CA MET A 189 15.63 -9.19 -6.44
C MET A 189 14.59 -10.27 -6.58
N LEU A 190 13.96 -10.60 -5.45
CA LEU A 190 12.75 -11.41 -5.46
C LEU A 190 11.56 -10.47 -5.68
N VAL A 191 10.76 -10.76 -6.69
CA VAL A 191 9.56 -9.98 -7.00
C VAL A 191 8.35 -10.85 -6.70
N VAL A 192 7.33 -10.30 -6.05
CA VAL A 192 6.10 -11.04 -5.80
C VAL A 192 4.92 -10.07 -5.71
N GLY A 193 3.90 -10.31 -6.52
CA GLY A 193 2.60 -9.66 -6.37
C GLY A 193 1.62 -10.66 -5.77
N ALA A 194 0.83 -10.22 -4.79
CA ALA A 194 -0.06 -11.13 -4.09
C ALA A 194 -1.33 -10.41 -3.65
N GLU A 195 -2.46 -11.10 -3.76
CA GLU A 195 -3.71 -10.46 -3.39
C GLU A 195 -4.70 -11.52 -3.00
N SER A 196 -5.45 -11.25 -1.93
CA SER A 196 -6.55 -12.11 -1.51
C SER A 196 -7.54 -11.22 -0.78
N THR A 197 -8.64 -10.87 -1.46
CA THR A 197 -9.62 -9.93 -0.91
C THR A 197 -11.05 -10.42 -1.11
N ILE A 198 -11.24 -11.74 -1.16
CA ILE A 198 -12.57 -12.31 -1.30
C ILE A 198 -13.19 -12.34 0.08
N CYS A 199 -13.74 -11.20 0.47
CA CYS A 199 -14.31 -10.99 1.79
C CYS A 199 -15.49 -10.04 1.64
N PRO A 200 -16.39 -9.99 2.62
CA PRO A 200 -17.64 -9.20 2.43
C PRO A 200 -17.42 -7.77 1.96
N VAL A 201 -16.54 -7.01 2.60
CA VAL A 201 -16.39 -5.61 2.23
C VAL A 201 -15.62 -5.48 0.92
N GLY A 202 -14.71 -6.41 0.63
CA GLY A 202 -14.02 -6.37 -0.66
C GLY A 202 -14.96 -6.60 -1.82
N ILE A 203 -15.77 -7.67 -1.75
CA ILE A 203 -16.79 -7.87 -2.79
C ILE A 203 -17.80 -6.72 -2.76
N GLY A 204 -18.21 -6.28 -1.57
CA GLY A 204 -19.17 -5.19 -1.50
C GLY A 204 -18.64 -3.90 -2.08
N GLY A 205 -17.35 -3.62 -1.84
CA GLY A 205 -16.75 -2.42 -2.42
C GLY A 205 -16.85 -2.37 -3.92
N PHE A 206 -16.59 -3.51 -4.56
CA PHE A 206 -16.55 -3.53 -6.03
C PHE A 206 -17.96 -3.66 -6.63
N ALA A 207 -18.89 -4.30 -5.91
CA ALA A 207 -20.25 -4.33 -6.43
C ALA A 207 -20.93 -2.97 -6.27
N SER A 208 -20.58 -2.24 -5.22
CA SER A 208 -21.13 -0.91 -5.01
C SER A 208 -20.86 0.04 -6.18
N ILE A 209 -19.75 -0.15 -6.90
CA ILE A 209 -19.47 0.66 -8.09
C ILE A 209 -19.84 -0.08 -9.39
N LYS A 210 -20.51 -1.21 -9.28
CA LYS A 210 -20.99 -1.93 -10.48
C LYS A 210 -19.80 -2.29 -11.38
N ALA A 211 -18.73 -2.85 -10.81
CA ALA A 211 -17.59 -3.27 -11.60
C ALA A 211 -17.49 -4.78 -11.76
N LEU A 212 -18.27 -5.54 -11.00
CA LEU A 212 -18.20 -6.99 -10.97
C LEU A 212 -19.28 -7.60 -11.86
N SER A 213 -18.92 -8.66 -12.59
CA SER A 213 -19.93 -9.46 -13.27
C SER A 213 -20.91 -10.05 -12.25
N THR A 214 -22.16 -10.02 -12.71
CA THR A 214 -23.29 -10.54 -11.93
C THR A 214 -23.82 -11.83 -12.57
N ARG A 215 -22.98 -12.63 -13.23
CA ARG A 215 -23.38 -13.94 -13.80
C ARG A 215 -23.13 -14.96 -12.73
N ASN A 216 -23.89 -14.85 -11.68
CA ASN A 216 -23.59 -15.72 -10.54
C ASN A 216 -24.17 -17.08 -10.90
N ASP A 217 -25.04 -17.11 -11.91
CA ASP A 217 -25.70 -18.36 -12.37
CA ASP A 217 -25.70 -18.37 -12.34
C ASP A 217 -24.84 -19.13 -13.37
N GLU A 218 -23.61 -18.70 -13.45
CA GLU A 218 -22.75 -19.31 -14.47
C GLU A 218 -21.33 -18.82 -14.23
N PRO A 219 -20.71 -19.23 -13.13
CA PRO A 219 -19.40 -18.73 -12.77
C PRO A 219 -18.27 -18.85 -13.81
N LYS A 220 -18.28 -19.87 -14.67
CA LYS A 220 -17.15 -20.18 -15.58
C LYS A 220 -17.35 -19.51 -16.93
N LYS A 221 -18.44 -18.78 -17.06
CA LYS A 221 -18.63 -17.98 -18.28
C LYS A 221 -18.74 -16.50 -17.86
N ALA A 222 -18.56 -16.20 -16.57
CA ALA A 222 -18.70 -14.79 -16.20
C ALA A 222 -17.52 -13.96 -16.68
N SER A 223 -16.31 -14.49 -16.65
CA SER A 223 -15.13 -13.73 -17.01
C SER A 223 -14.81 -14.00 -18.48
N ARG A 224 -14.91 -12.96 -19.32
CA ARG A 224 -14.87 -13.15 -20.77
C ARG A 224 -14.28 -11.92 -21.43
N PRO A 225 -12.99 -11.66 -21.23
CA PRO A 225 -12.39 -10.42 -21.76
C PRO A 225 -12.70 -10.23 -23.24
N PHE A 226 -13.02 -8.98 -23.60
CA PHE A 226 -13.21 -8.56 -25.00
C PHE A 226 -14.48 -9.13 -25.63
N ASP A 227 -15.17 -10.04 -24.94
CA ASP A 227 -16.44 -10.54 -25.48
C ASP A 227 -17.52 -9.47 -25.39
N LYS A 228 -18.47 -9.51 -26.33
CA LYS A 228 -19.52 -8.50 -26.37
C LYS A 228 -20.46 -8.62 -25.18
N ASP A 229 -20.61 -9.81 -24.63
CA ASP A 229 -21.48 -10.05 -23.48
C ASP A 229 -20.74 -9.97 -22.13
N ARG A 230 -19.54 -9.40 -22.09
CA ARG A 230 -18.90 -9.15 -20.81
C ARG A 230 -19.74 -8.17 -20.01
N ASN A 231 -19.64 -8.27 -18.67
CA ASN A 231 -20.44 -7.37 -17.84
C ASN A 231 -19.76 -7.08 -16.49
N GLY A 232 -18.43 -7.07 -16.45
CA GLY A 232 -17.72 -6.75 -15.23
C GLY A 232 -16.68 -7.79 -14.90
N PHE A 233 -15.74 -7.48 -14.01
CA PHE A 233 -14.70 -8.48 -13.78
C PHE A 233 -15.15 -9.47 -12.73
N VAL A 234 -14.37 -10.54 -12.60
CA VAL A 234 -14.53 -11.51 -11.53
C VAL A 234 -13.29 -11.46 -10.66
N MET A 235 -13.48 -11.28 -9.36
CA MET A 235 -12.34 -11.09 -8.49
C MET A 235 -11.63 -12.41 -8.29
N GLY A 236 -10.32 -12.41 -8.49
CA GLY A 236 -9.53 -13.60 -8.19
C GLY A 236 -8.50 -13.35 -7.11
N GLU A 237 -7.99 -14.43 -6.51
CA GLU A 237 -6.91 -14.37 -5.54
C GLU A 237 -5.72 -15.14 -6.08
N GLY A 238 -4.53 -14.79 -5.62
CA GLY A 238 -3.34 -15.51 -6.00
C GLY A 238 -2.08 -14.71 -5.76
N ALA A 239 -0.96 -15.29 -6.18
CA ALA A 239 0.32 -14.61 -6.09
C ALA A 239 1.23 -15.14 -7.19
N GLY A 240 2.02 -14.26 -7.77
CA GLY A 240 3.07 -14.66 -8.68
C GLY A 240 4.40 -14.14 -8.18
N ALA A 241 5.47 -14.90 -8.45
CA ALA A 241 6.78 -14.49 -8.00
C ALA A 241 7.83 -14.75 -9.08
N LEU A 242 8.81 -13.84 -9.15
CA LEU A 242 9.95 -13.94 -10.05
C LEU A 242 11.22 -13.65 -9.28
N VAL A 243 12.30 -14.33 -9.65
CA VAL A 243 13.64 -13.95 -9.23
C VAL A 243 14.30 -13.24 -10.40
N LEU A 244 14.67 -11.98 -10.20
CA LEU A 244 15.47 -11.21 -11.15
C LEU A 244 16.91 -11.16 -10.67
N GLU A 245 17.83 -11.16 -11.63
CA GLU A 245 19.24 -11.35 -11.36
C GLU A 245 20.05 -10.62 -12.44
N GLU A 246 21.06 -9.86 -12.03
CA GLU A 246 21.98 -9.29 -13.01
C GLU A 246 22.64 -10.43 -13.81
N TYR A 247 22.84 -10.19 -15.11
CA TYR A 247 23.16 -11.29 -16.04
C TYR A 247 24.49 -11.96 -15.72
N GLU A 248 25.57 -11.19 -15.59
CA GLU A 248 26.87 -11.79 -15.31
C GLU A 248 26.82 -12.63 -14.04
N SER A 249 26.17 -12.11 -12.99
CA SER A 249 26.08 -12.85 -11.74
C SER A 249 25.26 -14.13 -11.91
N ALA A 250 24.24 -14.11 -12.77
CA ALA A 250 23.46 -15.33 -13.02
C ALA A 250 24.30 -16.38 -13.74
N LYS A 251 24.98 -16.01 -14.80
CA LYS A 251 25.84 -16.97 -15.53
C LYS A 251 26.96 -17.52 -14.62
N LYS A 252 27.57 -16.70 -13.77
CA LYS A 252 28.59 -17.20 -12.84
C LYS A 252 28.03 -18.32 -11.96
N ARG A 253 26.79 -18.16 -11.50
CA ARG A 253 26.14 -19.06 -10.58
C ARG A 253 25.73 -20.37 -11.25
N GLY A 254 25.70 -20.40 -12.58
CA GLY A 254 25.08 -21.50 -13.27
C GLY A 254 23.57 -21.46 -13.29
N ALA A 255 22.96 -20.27 -13.08
CA ALA A 255 21.52 -20.14 -13.05
C ALA A 255 20.87 -20.57 -14.37
N LYS A 256 19.65 -21.08 -14.27
CA LYS A 256 18.80 -21.25 -15.44
C LYS A 256 18.24 -19.89 -15.86
N ILE A 257 18.02 -19.70 -17.14
CA ILE A 257 17.61 -18.39 -17.64
C ILE A 257 16.30 -18.54 -18.40
N TYR A 258 15.21 -18.11 -17.76
CA TYR A 258 13.88 -18.20 -18.38
C TYR A 258 13.67 -17.11 -19.43
N ALA A 259 14.27 -15.94 -19.24
CA ALA A 259 13.99 -14.77 -20.04
C ALA A 259 14.93 -13.65 -19.63
N GLU A 260 14.92 -12.65 -20.49
CA GLU A 260 15.73 -11.43 -20.25
C GLU A 260 14.79 -10.23 -20.20
N PHE A 261 14.95 -9.39 -19.20
CA PHE A 261 14.12 -8.15 -19.16
C PHE A 261 14.55 -7.25 -20.32
N ALA A 262 13.56 -6.74 -21.05
CA ALA A 262 13.84 -5.93 -22.23
C ALA A 262 13.39 -4.48 -22.11
N GLY A 263 12.22 -4.20 -21.54
CA GLY A 263 11.83 -2.81 -21.39
C GLY A 263 10.61 -2.68 -20.51
N TYR A 264 10.30 -1.43 -20.16
CA TYR A 264 9.13 -1.13 -19.35
C TYR A 264 8.65 0.27 -19.68
N GLY A 265 7.42 0.55 -19.28
CA GLY A 265 6.81 1.86 -19.37
C GLY A 265 5.85 2.10 -18.22
N GLU A 266 5.78 3.35 -17.75
CA GLU A 266 4.90 3.75 -16.66
C GLU A 266 4.36 5.14 -16.96
N SER A 267 3.09 5.35 -16.66
CA SER A 267 2.44 6.60 -16.97
C SER A 267 1.25 6.71 -16.06
N GLY A 268 0.69 7.92 -15.99
CA GLY A 268 -0.61 8.12 -15.38
C GLY A 268 -1.55 8.80 -16.37
N ASP A 269 -2.84 8.47 -16.22
CA ASP A 269 -3.88 9.08 -17.07
C ASP A 269 -4.13 10.55 -16.70
N ALA A 270 -4.08 10.89 -15.41
CA ALA A 270 -4.54 12.20 -14.92
C ALA A 270 -5.94 12.52 -15.42
N ASN A 271 -6.81 11.50 -15.41
CA ASN A 271 -8.15 11.67 -15.98
C ASN A 271 -9.24 11.42 -14.94
N HIS A 272 -9.47 10.15 -14.62
CA HIS A 272 -10.58 9.76 -13.77
C HIS A 272 -10.09 8.76 -12.73
N ILE A 273 -10.82 8.66 -11.62
CA ILE A 273 -10.35 7.87 -10.50
C ILE A 273 -10.58 6.38 -10.69
N THR A 274 -11.53 5.98 -11.56
CA THR A 274 -11.73 4.56 -11.85
C THR A 274 -11.79 4.30 -13.35
N ALA A 275 -12.23 5.28 -14.14
CA ALA A 275 -12.37 5.00 -15.56
C ALA A 275 -11.06 5.33 -16.28
N PRO A 276 -10.77 4.66 -17.40
CA PRO A 276 -9.53 4.95 -18.13
C PRO A 276 -9.63 6.23 -18.93
N ALA A 277 -8.46 6.73 -19.30
CA ALA A 277 -8.39 7.89 -20.18
C ALA A 277 -9.09 7.60 -21.51
N PRO A 278 -9.65 8.62 -22.16
CA PRO A 278 -10.20 8.42 -23.50
C PRO A 278 -9.15 7.81 -24.42
N GLU A 279 -9.57 6.83 -25.21
CA GLU A 279 -8.72 6.12 -26.16
C GLU A 279 -7.57 5.37 -25.48
N GLY A 280 -7.69 5.11 -24.18
CA GLY A 280 -6.60 4.44 -23.46
C GLY A 280 -5.28 5.14 -23.63
N GLU A 281 -5.30 6.49 -23.56
CA GLU A 281 -4.13 7.30 -23.89
C GLU A 281 -2.96 7.04 -22.95
N GLY A 282 -3.23 6.86 -21.66
CA GLY A 282 -2.15 6.55 -20.73
C GLY A 282 -1.55 5.18 -20.97
N ALA A 283 -2.41 4.19 -21.25
CA ALA A 283 -1.95 2.87 -21.66
C ALA A 283 -1.10 2.96 -22.91
N PHE A 284 -1.55 3.75 -23.88
CA PHE A 284 -0.79 3.92 -25.12
C PHE A 284 0.63 4.39 -24.81
N ARG A 285 0.75 5.45 -24.00
CA ARG A 285 2.06 6.00 -23.69
C ARG A 285 2.94 4.99 -22.93
N ALA A 286 2.36 4.26 -21.97
CA ALA A 286 3.18 3.28 -21.24
C ALA A 286 3.66 2.16 -22.16
N MET A 287 2.78 1.70 -23.05
CA MET A 287 3.17 0.66 -24.01
C MET A 287 4.24 1.18 -24.97
N LYS A 288 4.05 2.40 -25.48
CA LYS A 288 5.02 3.00 -26.38
C LYS A 288 6.39 3.12 -25.74
N MET A 289 6.43 3.48 -24.47
CA MET A 289 7.74 3.71 -23.83
C MET A 289 8.40 2.36 -23.53
N ALA A 290 7.63 1.32 -23.20
CA ALA A 290 8.19 -0.02 -23.08
C ALA A 290 8.70 -0.53 -24.42
N LEU A 291 7.91 -0.36 -25.48
CA LEU A 291 8.33 -0.91 -26.77
C LEU A 291 9.58 -0.22 -27.30
N GLU A 292 9.68 1.10 -27.12
CA GLU A 292 10.87 1.90 -27.53
C GLU A 292 12.10 1.53 -26.72
N MET A 293 11.91 0.97 -25.54
CA MET A 293 13.04 0.65 -24.65
C MET A 293 13.47 -0.77 -24.92
N ALA A 294 12.51 -1.65 -25.33
CA ALA A 294 12.87 -3.04 -25.60
C ALA A 294 13.55 -3.21 -26.96
N LYS A 295 13.11 -2.46 -27.99
CA LYS A 295 13.64 -2.58 -29.34
C LYS A 295 13.64 -4.04 -29.84
N VAL A 296 12.54 -4.75 -29.59
CA VAL A 296 12.40 -6.14 -30.05
C VAL A 296 11.04 -6.28 -30.75
N GLU A 297 10.82 -7.44 -31.36
CA GLU A 297 9.54 -7.78 -31.98
C GLU A 297 8.73 -8.58 -30.96
N VAL A 298 7.63 -8.00 -30.50
CA VAL A 298 6.76 -8.66 -29.53
C VAL A 298 5.82 -9.60 -30.27
N GLY A 299 5.81 -10.86 -29.86
CA GLY A 299 5.01 -11.84 -30.55
C GLY A 299 3.76 -12.28 -29.79
N TYR A 300 3.59 -11.76 -28.57
CA TYR A 300 2.42 -12.08 -27.75
C TYR A 300 2.26 -10.99 -26.69
N VAL A 301 1.00 -10.61 -26.46
CA VAL A 301 0.64 -9.59 -25.48
C VAL A 301 -0.35 -10.22 -24.52
N ASN A 302 0.04 -10.34 -23.25
CA ASN A 302 -0.91 -10.68 -22.20
C ASN A 302 -1.58 -9.37 -21.77
N ALA A 303 -2.83 -9.17 -22.20
CA ALA A 303 -3.51 -7.92 -21.95
C ALA A 303 -3.96 -7.83 -20.51
N HIS A 304 -4.16 -6.60 -20.04
CA HIS A 304 -4.78 -6.41 -18.73
C HIS A 304 -6.16 -7.06 -18.73
N GLY A 305 -7.02 -6.67 -19.67
CA GLY A 305 -8.23 -7.40 -20.01
C GLY A 305 -9.07 -7.97 -18.88
N THR A 306 -9.64 -7.09 -18.05
CA THR A 306 -10.32 -7.55 -16.85
C THR A 306 -11.77 -8.00 -17.07
N SER A 307 -12.36 -7.71 -18.25
CA SER A 307 -13.72 -8.10 -18.64
C SER A 307 -14.74 -7.06 -18.17
N THR A 308 -14.30 -5.86 -17.85
CA THR A 308 -15.23 -4.74 -17.78
C THR A 308 -15.43 -4.16 -19.17
N HIS A 309 -16.40 -3.29 -19.28
CA HIS A 309 -16.64 -2.65 -20.58
C HIS A 309 -15.49 -1.76 -20.91
N TYR A 310 -15.21 -0.86 -19.99
CA TYR A 310 -14.21 0.19 -20.32
C TYR A 310 -12.81 -0.35 -20.65
N ASN A 311 -12.20 -1.12 -19.75
CA ASN A 311 -10.80 -1.58 -19.96
C ASN A 311 -10.68 -2.30 -21.29
N ASP A 312 -11.47 -3.34 -21.50
CA ASP A 312 -11.31 -4.14 -22.73
C ASP A 312 -11.39 -3.21 -23.95
N LEU A 313 -12.33 -2.27 -23.92
CA LEU A 313 -12.49 -1.38 -25.07
C LEU A 313 -11.26 -0.48 -25.23
N TYR A 314 -10.90 0.23 -24.17
CA TYR A 314 -9.86 1.23 -24.33
C TYR A 314 -8.48 0.60 -24.42
N GLU A 315 -8.30 -0.58 -23.82
CA GLU A 315 -7.06 -1.31 -24.03
C GLU A 315 -6.91 -1.73 -25.49
N SER A 316 -8.00 -2.17 -26.13
CA SER A 316 -7.94 -2.55 -27.55
C SER A 316 -7.63 -1.36 -28.43
N ILE A 317 -8.22 -0.21 -28.13
CA ILE A 317 -7.96 1.00 -28.92
C ILE A 317 -6.48 1.39 -28.76
N ALA A 318 -5.98 1.36 -27.52
CA ALA A 318 -4.59 1.77 -27.27
C ALA A 318 -3.62 0.81 -27.92
N LEU A 319 -3.90 -0.50 -27.86
CA LEU A 319 -3.09 -1.47 -28.58
C LEU A 319 -3.04 -1.16 -30.06
N LYS A 320 -4.20 -1.08 -30.68
CA LYS A 320 -4.18 -0.73 -32.11
C LYS A 320 -3.29 0.49 -32.28
N ASN A 321 -3.57 1.57 -31.56
CA ASN A 321 -2.84 2.81 -31.81
C ASN A 321 -1.34 2.62 -31.66
N VAL A 322 -0.90 1.81 -30.69
CA VAL A 322 0.55 1.73 -30.47
C VAL A 322 1.23 0.84 -31.49
N PHE A 323 0.58 -0.20 -31.98
CA PHE A 323 1.24 -1.02 -32.98
C PHE A 323 0.99 -0.51 -34.40
N GLY A 324 0.02 0.39 -34.60
CA GLY A 324 -0.20 1.03 -35.88
C GLY A 324 -1.55 0.69 -36.50
N SER A 325 -1.94 -0.59 -36.41
CA SER A 325 -3.18 -1.04 -37.00
C SER A 325 -3.55 -2.35 -36.35
N LYS A 326 -4.79 -2.79 -36.60
CA LYS A 326 -5.26 -4.06 -36.05
C LYS A 326 -4.40 -5.22 -36.49
N GLU A 327 -3.97 -5.19 -37.75
CA GLU A 327 -3.16 -6.31 -38.30
C GLU A 327 -1.77 -6.30 -37.65
N LYS A 328 -1.29 -5.12 -37.26
CA LYS A 328 0.04 -5.02 -36.67
C LYS A 328 0.05 -5.28 -35.16
N VAL A 329 -1.11 -5.49 -34.55
CA VAL A 329 -1.15 -5.93 -33.14
C VAL A 329 -0.75 -7.40 -33.07
N PRO A 330 0.25 -7.76 -32.28
CA PRO A 330 0.58 -9.17 -32.09
C PRO A 330 -0.60 -9.94 -31.53
N PRO A 331 -0.56 -11.27 -31.52
CA PRO A 331 -1.56 -12.03 -30.78
C PRO A 331 -1.69 -11.48 -29.36
N VAL A 332 -2.94 -11.31 -28.92
CA VAL A 332 -3.27 -10.74 -27.63
C VAL A 332 -4.14 -11.73 -26.89
N SER A 333 -3.81 -12.02 -25.63
CA SER A 333 -4.79 -12.73 -24.83
C SER A 333 -4.77 -12.20 -23.40
N SER A 334 -5.96 -12.23 -22.79
CA SER A 334 -6.12 -11.99 -21.37
C SER A 334 -6.48 -13.31 -20.70
N THR A 335 -5.75 -13.65 -19.65
CA THR A 335 -5.99 -14.90 -18.93
C THR A 335 -6.91 -14.72 -17.75
N ALA A 336 -7.58 -13.55 -17.66
CA ALA A 336 -8.48 -13.27 -16.55
C ALA A 336 -9.77 -14.06 -16.68
N GLY A 337 -10.11 -14.52 -17.89
CA GLY A 337 -11.19 -15.47 -18.03
C GLY A 337 -10.96 -16.71 -17.18
N GLN A 338 -9.72 -17.21 -17.18
CA GLN A 338 -9.35 -18.48 -16.55
C GLN A 338 -9.24 -18.38 -15.02
N ILE A 339 -8.61 -17.33 -14.50
CA ILE A 339 -8.28 -17.25 -13.08
C ILE A 339 -8.90 -16.05 -12.39
N GLY A 340 -9.77 -15.31 -13.08
CA GLY A 340 -10.25 -14.04 -12.58
C GLY A 340 -9.20 -12.97 -12.74
N HIS A 341 -9.61 -11.73 -12.50
CA HIS A 341 -8.65 -10.64 -12.41
C HIS A 341 -8.15 -10.55 -10.97
N CYS A 342 -6.85 -10.67 -10.77
CA CYS A 342 -6.32 -10.84 -9.42
C CYS A 342 -5.75 -9.55 -8.84
N LEU A 343 -6.22 -8.41 -9.36
CA LEU A 343 -5.87 -7.08 -8.78
C LEU A 343 -4.37 -6.84 -8.63
N GLY A 344 -3.91 -6.59 -7.41
CA GLY A 344 -2.50 -6.24 -7.25
C GLY A 344 -1.55 -7.36 -7.64
N ALA A 345 -2.02 -8.61 -7.63
CA ALA A 345 -1.20 -9.74 -8.04
C ALA A 345 -1.22 -10.00 -9.55
N ALA A 346 -2.17 -9.41 -10.28
CA ALA A 346 -2.37 -9.77 -11.69
C ALA A 346 -1.10 -9.58 -12.51
N GLY A 347 -0.42 -8.45 -12.34
CA GLY A 347 0.78 -8.19 -13.14
C GLY A 347 1.90 -9.20 -12.90
N ALA A 348 2.04 -9.69 -11.65
CA ALA A 348 3.06 -10.69 -11.36
C ALA A 348 2.68 -12.06 -11.91
N LEU A 349 1.43 -12.46 -11.69
CA LEU A 349 0.92 -13.69 -12.28
C LEU A 349 1.10 -13.68 -13.78
N GLU A 350 0.71 -12.58 -14.40
CA GLU A 350 0.69 -12.49 -15.86
C GLU A 350 2.06 -12.33 -16.47
N ALA A 351 3.05 -11.82 -15.71
CA ALA A 351 4.43 -11.92 -16.21
C ALA A 351 4.90 -13.37 -16.20
N VAL A 352 4.57 -14.15 -15.16
CA VAL A 352 4.95 -15.56 -15.17
C VAL A 352 4.29 -16.28 -16.34
N ILE A 353 2.97 -16.08 -16.51
CA ILE A 353 2.24 -16.68 -17.61
C ILE A 353 2.86 -16.31 -18.95
N SER A 354 3.12 -15.01 -19.17
CA SER A 354 3.71 -14.55 -20.42
C SER A 354 5.04 -15.25 -20.69
N ILE A 355 5.90 -15.34 -19.67
CA ILE A 355 7.23 -15.91 -19.88
C ILE A 355 7.12 -17.41 -20.17
N MET A 356 6.22 -18.10 -19.46
CA MET A 356 6.03 -19.52 -19.72
C MET A 356 5.47 -19.74 -21.11
N ALA A 357 4.56 -18.88 -21.55
CA ALA A 357 4.09 -18.94 -22.93
C ALA A 357 5.26 -18.87 -23.91
N MET A 358 6.17 -17.91 -23.72
CA MET A 358 7.40 -17.85 -24.52
C MET A 358 8.21 -19.13 -24.44
N ASN A 359 8.47 -19.62 -23.22
CA ASN A 359 9.32 -20.79 -23.05
C ASN A 359 8.78 -21.99 -23.82
N GLN A 360 7.50 -22.18 -23.86
CA GLN A 360 7.00 -23.44 -24.37
C GLN A 360 6.28 -23.28 -25.71
N GLY A 361 6.38 -22.14 -26.33
CA GLY A 361 5.73 -21.95 -27.62
C GLY A 361 4.24 -22.20 -27.60
N ILE A 362 3.57 -21.84 -26.50
CA ILE A 362 2.14 -22.02 -26.37
C ILE A 362 1.52 -20.73 -25.84
N LEU A 363 0.66 -20.13 -26.63
CA LEU A 363 0.01 -18.88 -26.27
C LEU A 363 -1.36 -19.19 -25.72
N PRO A 364 -1.62 -18.93 -24.43
CA PRO A 364 -2.89 -19.34 -23.85
C PRO A 364 -4.03 -18.50 -24.39
N PRO A 365 -5.23 -19.06 -24.49
CA PRO A 365 -6.34 -18.33 -25.13
C PRO A 365 -6.99 -17.35 -24.19
N THR A 366 -7.76 -16.43 -24.78
CA THR A 366 -8.85 -15.77 -24.09
C THR A 366 -10.08 -16.67 -24.23
N ILE A 367 -10.65 -17.11 -23.11
CA ILE A 367 -11.77 -18.05 -23.17
C ILE A 367 -13.11 -17.34 -23.17
N ASN A 368 -14.19 -18.11 -23.24
CA ASN A 368 -15.56 -17.59 -23.30
C ASN A 368 -15.73 -16.53 -24.38
N GLN A 369 -15.11 -16.74 -25.55
CA GLN A 369 -15.32 -15.87 -26.71
C GLN A 369 -16.52 -16.44 -27.49
N GLU A 370 -17.70 -15.87 -27.25
CA GLU A 370 -18.91 -16.37 -27.88
C GLU A 370 -19.56 -15.36 -28.82
N THR A 371 -19.34 -14.06 -28.60
CA THR A 371 -19.97 -13.02 -29.39
C THR A 371 -18.99 -11.89 -29.68
N PRO A 372 -18.52 -11.76 -30.91
CA PRO A 372 -17.51 -10.74 -31.20
C PRO A 372 -18.04 -9.35 -30.90
N ASP A 373 -17.20 -8.55 -30.27
CA ASP A 373 -17.53 -7.14 -30.06
C ASP A 373 -16.98 -6.35 -31.24
N PRO A 374 -17.81 -5.58 -31.96
CA PRO A 374 -17.27 -4.79 -33.08
C PRO A 374 -16.21 -3.80 -32.64
N GLU A 375 -16.36 -3.20 -31.46
CA GLU A 375 -15.33 -2.29 -30.96
C GLU A 375 -14.10 -3.02 -30.44
N CYS A 376 -14.15 -4.33 -30.26
CA CYS A 376 -13.01 -5.13 -29.77
C CYS A 376 -12.61 -6.12 -30.86
N ASP A 377 -11.85 -5.64 -31.84
CA ASP A 377 -11.65 -6.34 -33.10
C ASP A 377 -10.26 -6.92 -33.29
N LEU A 378 -9.52 -7.19 -32.22
CA LEU A 378 -8.19 -7.76 -32.38
C LEU A 378 -8.24 -9.29 -32.43
N ASP A 379 -7.07 -9.91 -32.60
CA ASP A 379 -6.91 -11.36 -32.49
C ASP A 379 -6.66 -11.70 -31.02
N TYR A 380 -7.66 -12.24 -30.34
CA TYR A 380 -7.58 -12.52 -28.92
C TYR A 380 -7.26 -13.98 -28.61
N ILE A 381 -6.68 -14.71 -29.55
CA ILE A 381 -6.47 -16.16 -29.42
C ILE A 381 -7.73 -16.80 -28.85
N PRO A 382 -8.86 -16.72 -29.55
CA PRO A 382 -10.14 -17.12 -28.93
C PRO A 382 -10.20 -18.61 -28.61
N ASN A 383 -10.43 -18.91 -27.33
CA ASN A 383 -11.01 -20.16 -26.84
C ASN A 383 -10.02 -21.32 -26.77
N ALA A 384 -9.03 -21.35 -27.66
CA ALA A 384 -8.08 -22.46 -27.65
C ALA A 384 -6.66 -21.94 -27.86
N ALA A 385 -5.73 -22.52 -27.13
CA ALA A 385 -4.35 -22.09 -27.16
C ALA A 385 -3.78 -22.19 -28.58
N ARG A 386 -2.84 -21.32 -28.89
CA ARG A 386 -2.18 -21.30 -30.19
C ARG A 386 -0.73 -21.72 -30.01
N GLU A 387 -0.31 -22.76 -30.74
CA GLU A 387 1.10 -23.22 -30.71
C GLU A 387 1.89 -22.31 -31.62
N LYS A 388 2.67 -21.44 -31.06
CA LYS A 388 3.43 -20.45 -31.82
C LYS A 388 4.61 -20.01 -30.98
N GLN A 389 5.79 -20.06 -31.58
CA GLN A 389 7.03 -19.60 -30.93
C GLN A 389 7.18 -18.08 -31.07
N VAL A 390 7.52 -17.42 -29.98
CA VAL A 390 7.66 -15.97 -29.99
C VAL A 390 9.00 -15.64 -29.35
N ASP A 391 9.54 -14.45 -29.70
CA ASP A 391 10.84 -14.07 -29.15
C ASP A 391 10.78 -12.96 -28.11
N ALA A 392 9.61 -12.37 -27.86
CA ALA A 392 9.43 -11.43 -26.76
C ALA A 392 7.94 -11.36 -26.44
N VAL A 393 7.64 -11.00 -25.19
CA VAL A 393 6.26 -10.91 -24.72
C VAL A 393 6.07 -9.61 -23.95
N MET A 394 4.87 -9.05 -24.04
CA MET A 394 4.56 -7.82 -23.32
C MET A 394 3.34 -8.07 -22.43
N SER A 395 3.38 -7.50 -21.22
CA SER A 395 2.31 -7.63 -20.24
C SER A 395 1.89 -6.24 -19.74
N ASN A 396 0.58 -5.95 -19.77
CA ASN A 396 0.02 -4.66 -19.42
C ASN A 396 -0.75 -4.75 -18.11
N SER A 397 -0.67 -3.68 -17.29
CA SER A 397 -1.46 -3.54 -16.08
C SER A 397 -1.89 -2.09 -15.90
N PHE A 398 -3.17 -1.88 -15.58
CA PHE A 398 -3.70 -0.57 -15.27
C PHE A 398 -4.47 -0.62 -13.96
N GLY A 399 -4.46 0.50 -13.22
CA GLY A 399 -5.07 0.56 -11.92
C GLY A 399 -5.90 1.82 -11.72
N PHE A 400 -6.75 1.72 -10.72
CA PHE A 400 -7.55 2.89 -10.28
C PHE A 400 -6.57 4.02 -10.03
N GLY A 401 -7.01 5.25 -10.22
CA GLY A 401 -6.10 6.37 -10.20
C GLY A 401 -5.40 6.60 -11.51
N GLY A 402 -5.70 5.79 -12.53
CA GLY A 402 -5.11 5.98 -13.84
C GLY A 402 -3.64 5.66 -13.93
N THR A 403 -3.14 4.74 -13.09
CA THR A 403 -1.73 4.39 -13.11
C THR A 403 -1.51 3.17 -14.00
N ASN A 404 -0.54 3.26 -14.91
CA ASN A 404 -0.28 2.23 -15.90
C ASN A 404 1.14 1.70 -15.79
N GLY A 405 1.29 0.40 -15.98
CA GLY A 405 2.61 -0.19 -16.06
C GLY A 405 2.68 -1.25 -17.12
N VAL A 406 3.77 -1.29 -17.87
CA VAL A 406 3.97 -2.27 -18.94
C VAL A 406 5.38 -2.83 -18.80
N VAL A 407 5.53 -4.14 -19.03
CA VAL A 407 6.84 -4.77 -19.09
C VAL A 407 6.93 -5.68 -20.31
N ILE A 408 8.14 -5.75 -20.87
CA ILE A 408 8.47 -6.66 -21.96
C ILE A 408 9.64 -7.52 -21.52
N PHE A 409 9.53 -8.83 -21.76
CA PHE A 409 10.60 -9.79 -21.56
C PHE A 409 10.93 -10.41 -22.92
N LYS A 410 12.21 -10.68 -23.16
CA LYS A 410 12.65 -11.24 -24.43
C LYS A 410 13.33 -12.58 -24.19
N LYS A 411 13.33 -13.39 -25.25
CA LYS A 411 13.91 -14.72 -25.19
C LYS A 411 15.38 -14.63 -24.80
N ALA A 412 15.80 -15.60 -24.01
CA ALA A 412 17.19 -15.74 -23.62
C ALA A 412 17.37 -17.16 -23.13
N MET B 1 26.02 10.94 -12.17
CA MET B 1 24.80 10.60 -12.96
C MET B 1 23.96 11.86 -13.06
N ARG B 2 22.73 11.76 -13.55
CA ARG B 2 21.81 12.92 -13.60
C ARG B 2 21.72 13.59 -12.21
N ARG B 3 21.55 14.92 -12.17
CA ARG B 3 21.49 15.71 -10.91
C ARG B 3 20.05 16.11 -10.62
N ILE B 4 19.68 16.19 -9.35
CA ILE B 4 18.29 16.41 -8.97
C ILE B 4 18.21 17.46 -7.86
N VAL B 5 17.27 18.39 -7.99
CA VAL B 5 17.07 19.44 -7.01
C VAL B 5 15.65 19.43 -6.49
N VAL B 6 15.49 19.96 -5.27
CA VAL B 6 14.19 20.24 -4.68
C VAL B 6 13.84 21.69 -5.00
N THR B 7 12.68 21.90 -5.62
CA THR B 7 12.30 23.23 -6.08
C THR B 7 11.00 23.71 -5.46
N GLY B 8 10.32 22.89 -4.68
CA GLY B 8 9.06 23.25 -4.06
C GLY B 8 8.79 22.35 -2.87
N MET B 9 8.18 22.90 -1.82
CA MET B 9 7.95 22.13 -0.60
C MET B 9 6.64 22.56 0.03
N GLY B 10 6.03 21.63 0.75
CA GLY B 10 4.82 21.90 1.51
C GLY B 10 4.66 20.85 2.60
N MET B 11 3.93 21.20 3.65
CA MET B 11 3.68 20.23 4.70
C MET B 11 2.57 20.72 5.61
N ILE B 12 1.84 19.76 6.18
CA ILE B 12 0.72 19.99 7.08
C ILE B 12 0.80 18.95 8.17
N ASN B 13 0.69 19.37 9.43
CA ASN B 13 0.83 18.47 10.56
C ASN B 13 0.16 19.11 11.77
N SER B 14 0.37 18.53 12.94
CA SER B 14 -0.36 18.99 14.13
C SER B 14 0.17 20.31 14.66
N LEU B 15 1.21 20.90 14.06
CA LEU B 15 1.71 22.20 14.47
C LEU B 15 1.62 23.26 13.40
N GLY B 16 1.06 22.96 12.23
CA GLY B 16 0.91 24.00 11.23
C GLY B 16 0.22 23.53 9.97
N LEU B 17 -0.43 24.46 9.27
CA LEU B 17 -1.14 24.15 8.04
C LEU B 17 -0.30 24.38 6.80
N ASN B 18 0.90 24.90 6.99
CA ASN B 18 1.83 25.24 5.90
C ASN B 18 3.21 24.86 6.40
N LYS B 19 4.25 24.89 5.56
CA LYS B 19 5.60 24.60 6.04
C LYS B 19 6.17 25.73 6.87
N GLU B 20 5.75 26.98 6.63
CA GLU B 20 6.31 28.12 7.36
C GLU B 20 5.87 28.11 8.82
N ASP B 21 4.58 27.89 9.02
CA ASP B 21 3.96 27.94 10.37
C ASP B 21 4.35 26.70 11.11
N SER B 22 4.47 25.63 10.36
CA SER B 22 4.79 24.35 10.99
C SER B 22 6.23 24.32 11.49
N PHE B 23 7.18 24.67 10.62
CA PHE B 23 8.59 24.60 11.02
C PHE B 23 8.88 25.53 12.19
N LEU B 24 8.34 26.76 12.15
CA LEU B 24 8.57 27.70 13.24
C LEU B 24 8.17 27.08 14.57
N ALA B 25 6.96 26.53 14.64
CA ALA B 25 6.49 25.93 15.88
C ALA B 25 7.37 24.74 16.28
N ILE B 26 7.85 23.99 15.29
CA ILE B 26 8.72 22.85 15.56
C ILE B 26 10.09 23.31 16.06
N ALA B 27 10.61 24.40 15.48
CA ALA B 27 11.91 24.87 15.94
C ALA B 27 11.79 25.53 17.31
N LYS B 28 10.63 26.10 17.64
CA LYS B 28 10.41 26.62 18.99
C LYS B 28 10.17 25.53 20.02
N GLY B 29 10.05 24.28 19.61
CA GLY B 29 9.81 23.23 20.58
C GLY B 29 8.41 23.19 21.12
N GLU B 30 7.43 23.70 20.36
CA GLU B 30 6.04 23.49 20.71
C GLU B 30 5.62 22.05 20.39
N CYS B 31 4.39 21.70 20.73
CA CYS B 31 3.95 20.32 20.66
C CYS B 31 2.49 20.29 20.28
N GLY B 32 2.18 19.59 19.18
CA GLY B 32 0.82 19.54 18.69
C GLY B 32 0.01 18.37 19.19
N ILE B 33 0.67 17.52 19.97
CA ILE B 33 -0.02 16.33 20.53
C ILE B 33 -1.13 16.79 21.48
N LYS B 34 -2.33 16.23 21.32
CA LYS B 34 -3.54 16.62 22.06
C LYS B 34 -4.27 15.34 22.50
N HIS B 35 -5.55 15.45 22.86
CA HIS B 35 -6.34 14.28 23.26
C HIS B 35 -7.23 13.94 22.07
N ILE B 36 -7.37 12.68 21.77
CA ILE B 36 -8.13 12.30 20.56
C ILE B 36 -9.54 12.83 20.69
N GLU B 37 -10.09 13.40 19.63
CA GLU B 37 -11.42 14.01 19.64
C GLU B 37 -12.05 13.73 18.28
N SER B 38 -11.31 13.13 17.35
CA SER B 38 -11.82 12.69 16.03
C SER B 38 -12.77 11.53 16.31
N PHE B 39 -12.42 10.70 17.29
CA PHE B 39 -13.34 9.69 17.80
C PHE B 39 -13.42 9.74 19.31
N ASP B 40 -14.47 9.14 19.82
CA ASP B 40 -14.65 8.92 21.25
C ASP B 40 -13.64 7.90 21.72
N ALA B 41 -12.55 8.38 22.32
CA ALA B 41 -11.50 7.51 22.83
C ALA B 41 -11.60 7.29 24.34
N SER B 42 -12.74 7.66 24.95
CA SER B 42 -12.84 7.65 26.41
C SER B 42 -12.61 6.27 27.00
N ALA B 43 -12.94 5.21 26.27
CA ALA B 43 -12.76 3.85 26.76
C ALA B 43 -11.41 3.23 26.39
N PHE B 44 -10.47 4.03 25.76
CA PHE B 44 -9.25 3.50 25.15
C PHE B 44 -8.06 3.63 26.11
N PRO B 45 -7.12 2.67 26.07
CA PRO B 45 -5.90 2.84 26.86
C PRO B 45 -5.02 3.98 26.38
N VAL B 46 -5.26 4.50 25.18
CA VAL B 46 -4.50 5.60 24.61
C VAL B 46 -5.48 6.64 24.12
N ARG B 47 -5.37 7.88 24.65
CA ARG B 47 -6.36 8.91 24.39
C ARG B 47 -5.72 10.19 23.88
N ILE B 48 -4.47 10.11 23.40
CA ILE B 48 -3.74 11.25 22.87
C ILE B 48 -3.23 10.90 21.47
N ALA B 49 -2.98 11.95 20.68
CA ALA B 49 -2.52 11.80 19.30
C ALA B 49 -2.15 13.18 18.75
N GLY B 50 -1.30 13.17 17.74
CA GLY B 50 -0.98 14.39 17.03
C GLY B 50 -2.06 14.79 16.03
N GLU B 51 -3.24 15.19 16.52
CA GLU B 51 -4.36 15.57 15.67
C GLU B 51 -4.17 16.97 15.10
N ILE B 52 -4.62 17.17 13.86
CA ILE B 52 -4.79 18.49 13.27
C ILE B 52 -6.22 18.93 13.50
N THR B 53 -6.42 20.02 14.24
CA THR B 53 -7.78 20.45 14.52
C THR B 53 -8.27 21.59 13.64
N ASP B 54 -7.35 22.16 12.90
CA ASP B 54 -7.69 23.38 12.16
C ASP B 54 -7.85 23.12 10.66
N PHE B 55 -7.80 21.89 10.22
CA PHE B 55 -7.79 21.56 8.80
C PHE B 55 -9.21 21.52 8.25
N ASP B 56 -9.42 22.22 7.14
CA ASP B 56 -10.72 22.23 6.47
C ASP B 56 -10.58 21.61 5.09
N PRO B 57 -11.16 20.43 4.85
CA PRO B 57 -11.05 19.81 3.51
C PRO B 57 -11.67 20.64 2.41
N THR B 58 -12.68 21.47 2.72
CA THR B 58 -13.31 22.19 1.62
C THR B 58 -12.46 23.33 1.10
N GLU B 59 -11.28 23.55 1.68
CA GLU B 59 -10.34 24.54 1.14
C GLU B 59 -9.44 23.97 0.04
N VAL B 60 -9.30 22.65 -0.05
CA VAL B 60 -8.44 22.05 -1.06
C VAL B 60 -9.20 21.32 -2.14
N MET B 61 -10.48 21.01 -1.92
CA MET B 61 -11.30 20.38 -2.94
C MET B 61 -12.72 20.88 -2.76
N ASN B 62 -13.50 20.83 -3.84
CA ASN B 62 -14.84 21.34 -3.74
C ASN B 62 -15.68 20.41 -2.86
N PRO B 63 -16.71 20.94 -2.21
CA PRO B 63 -17.48 20.13 -1.24
C PRO B 63 -18.00 18.81 -1.79
N LYS B 64 -18.16 18.66 -3.09
CA LYS B 64 -18.79 17.41 -3.56
C LYS B 64 -17.77 16.31 -3.47
N ASP B 65 -16.55 16.71 -3.70
CA ASP B 65 -15.48 15.68 -3.78
C ASP B 65 -14.91 15.28 -2.42
N VAL B 66 -15.20 16.02 -1.35
CA VAL B 66 -14.62 15.70 -0.05
C VAL B 66 -14.95 14.26 0.35
N LYS B 67 -16.06 13.76 -0.09
CA LYS B 67 -16.57 12.43 0.34
C LYS B 67 -15.97 11.33 -0.48
N LYS B 68 -15.19 11.75 -1.43
CA LYS B 68 -14.53 10.77 -2.29
C LYS B 68 -13.10 10.45 -1.88
N ALA B 69 -12.56 11.17 -0.89
CA ALA B 69 -11.14 11.09 -0.53
C ALA B 69 -11.00 10.85 0.97
N GLY B 70 -10.20 9.83 1.34
CA GLY B 70 -9.83 9.68 2.73
C GLY B 70 -9.07 10.89 3.25
N ARG B 71 -9.12 11.06 4.57
CA ARG B 71 -8.49 12.21 5.19
C ARG B 71 -7.01 12.33 4.82
N PHE B 72 -6.29 11.19 4.76
CA PHE B 72 -4.88 11.24 4.34
C PHE B 72 -4.74 11.84 2.94
N ILE B 73 -5.72 11.62 2.07
CA ILE B 73 -5.64 12.19 0.73
C ILE B 73 -6.00 13.68 0.75
N GLN B 74 -6.97 14.06 1.57
CA GLN B 74 -7.25 15.49 1.75
C GLN B 74 -6.01 16.21 2.25
N LEU B 75 -5.30 15.62 3.20
CA LEU B 75 -4.06 16.21 3.70
C LEU B 75 -2.99 16.27 2.62
N ALA B 76 -2.93 15.24 1.77
CA ALA B 76 -1.96 15.21 0.68
C ALA B 76 -2.26 16.28 -0.37
N LEU B 77 -3.51 16.53 -0.62
CA LEU B 77 -3.95 17.54 -1.61
C LEU B 77 -3.65 18.95 -1.09
N LYS B 78 -3.37 19.07 0.17
CA LYS B 78 -3.12 20.39 0.75
C LYS B 78 -1.64 20.56 0.65
N ALA B 79 -0.95 19.53 1.07
CA ALA B 79 0.50 19.71 1.07
C ALA B 79 1.03 19.85 -0.34
N THR B 80 0.51 19.04 -1.29
CA THR B 80 1.02 19.12 -2.64
C THR B 80 0.64 20.44 -3.29
N ARG B 81 -0.51 20.99 -2.95
CA ARG B 81 -0.92 22.27 -3.56
C ARG B 81 0.09 23.33 -3.12
N GLU B 82 0.41 23.31 -1.82
CA GLU B 82 1.43 24.24 -1.34
C GLU B 82 2.74 24.06 -2.12
N ALA B 83 3.23 22.81 -2.19
CA ALA B 83 4.50 22.56 -2.87
C ALA B 83 4.42 22.90 -4.35
N MET B 84 3.32 22.54 -5.01
CA MET B 84 3.21 22.82 -6.44
C MET B 84 3.14 24.32 -6.71
N LYS B 85 2.48 25.04 -5.83
CA LYS B 85 2.49 26.51 -6.04
C LYS B 85 3.88 27.02 -5.67
N ASP B 86 4.38 26.61 -4.54
CA ASP B 86 5.70 27.07 -4.14
C ASP B 86 6.70 26.91 -5.27
N SER B 87 6.56 25.85 -6.07
CA SER B 87 7.55 25.56 -7.10
C SER B 87 7.49 26.54 -8.25
N GLY B 88 6.39 27.28 -8.38
CA GLY B 88 6.22 28.18 -9.51
C GLY B 88 5.91 27.50 -10.80
N ILE B 89 5.65 26.19 -10.78
CA ILE B 89 5.48 25.46 -12.03
C ILE B 89 4.08 25.57 -12.62
N LEU B 90 3.07 25.91 -11.82
CA LEU B 90 1.71 25.86 -12.33
C LEU B 90 1.47 26.94 -13.38
N ASP B 91 0.56 26.66 -14.31
CA ASP B 91 0.20 27.63 -15.33
C ASP B 91 -0.94 28.49 -14.80
N ALA B 92 -1.59 29.24 -15.70
CA ALA B 92 -2.64 30.17 -15.29
C ALA B 92 -3.88 29.45 -14.77
N HIS B 93 -3.87 28.12 -14.89
CA HIS B 93 -5.07 27.35 -14.52
C HIS B 93 -4.73 26.50 -13.30
N ASN B 94 -3.57 26.71 -12.73
CA ASN B 94 -3.08 25.91 -11.60
C ASN B 94 -2.91 24.45 -12.00
N ARG B 95 -2.34 24.27 -13.17
CA ARG B 95 -2.14 22.91 -13.68
C ARG B 95 -0.75 22.89 -14.28
N CYS B 96 -0.15 21.72 -14.34
CA CYS B 96 1.14 21.56 -14.97
C CYS B 96 1.00 21.85 -16.46
N PRO B 97 1.94 22.61 -17.05
CA PRO B 97 1.85 22.91 -18.48
C PRO B 97 1.79 21.63 -19.30
N GLU B 98 1.01 21.68 -20.39
CA GLU B 98 0.73 20.46 -21.15
C GLU B 98 1.99 19.87 -21.75
N GLU B 99 2.88 20.72 -22.25
CA GLU B 99 4.11 20.24 -22.87
C GLU B 99 5.07 19.64 -21.86
N LEU B 100 4.82 19.82 -20.56
CA LEU B 100 5.63 19.21 -19.51
C LEU B 100 4.92 18.07 -18.79
N ALA B 101 3.63 17.86 -19.06
CA ALA B 101 2.81 16.98 -18.24
C ALA B 101 3.22 15.52 -18.35
N ASN B 102 3.61 15.09 -19.56
CA ASN B 102 3.99 13.69 -19.76
C ASN B 102 5.27 13.31 -19.00
N ARG B 103 6.09 14.29 -18.64
CA ARG B 103 7.40 14.04 -18.08
C ARG B 103 7.46 14.41 -16.61
N MET B 104 6.33 14.68 -16.00
CA MET B 104 6.27 14.94 -14.58
C MET B 104 5.32 13.93 -13.98
N GLY B 105 5.84 13.15 -13.03
CA GLY B 105 5.06 12.14 -12.36
C GLY B 105 4.86 12.45 -10.90
N VAL B 106 4.28 11.48 -10.20
CA VAL B 106 4.04 11.58 -8.79
C VAL B 106 4.48 10.27 -8.14
N SER B 107 5.16 10.38 -6.99
CA SER B 107 5.53 9.27 -6.14
C SER B 107 4.91 9.52 -4.77
N SER B 108 3.97 8.67 -4.38
CA SER B 108 3.23 8.86 -3.15
C SER B 108 3.57 7.76 -2.15
N GLY B 109 3.38 8.07 -0.87
CA GLY B 109 3.64 7.09 0.17
C GLY B 109 2.66 7.17 1.30
N SER B 110 2.26 6.02 1.81
CA SER B 110 1.44 5.89 3.01
C SER B 110 1.62 4.46 3.52
N GLY B 111 1.48 4.28 4.83
CA GLY B 111 1.53 2.95 5.38
C GLY B 111 0.26 2.15 5.14
N ILE B 112 -0.90 2.79 5.31
CA ILE B 112 -2.16 2.08 5.17
C ILE B 112 -3.25 2.94 4.51
N GLY B 113 -3.01 4.23 4.34
CA GLY B 113 -4.03 5.06 3.66
C GLY B 113 -5.33 5.17 4.44
N GLY B 114 -6.46 4.94 3.76
CA GLY B 114 -7.76 5.28 4.32
C GLY B 114 -8.34 4.28 5.32
N LEU B 115 -7.64 4.10 6.45
CA LEU B 115 -8.03 3.08 7.43
C LEU B 115 -9.43 3.34 7.98
N GLY B 116 -9.68 4.57 8.42
CA GLY B 116 -10.99 4.93 8.92
C GLY B 116 -12.11 4.62 7.94
N ASN B 117 -11.83 4.73 6.64
CA ASN B 117 -12.83 4.43 5.63
C ASN B 117 -13.06 2.95 5.47
N ILE B 118 -11.99 2.15 5.53
CA ILE B 118 -12.13 0.70 5.54
C ILE B 118 -12.93 0.28 6.76
N GLU B 119 -12.57 0.86 7.92
CA GLU B 119 -13.22 0.54 9.17
C GLU B 119 -14.71 0.86 9.11
N ALA B 120 -15.06 2.04 8.60
CA ALA B 120 -16.46 2.45 8.55
C ALA B 120 -17.26 1.53 7.63
N ASN B 121 -16.75 1.23 6.44
CA ASN B 121 -17.51 0.44 5.44
C ASN B 121 -17.52 -1.02 5.86
N SER B 122 -16.50 -1.44 6.56
CA SER B 122 -16.52 -2.79 7.11
C SER B 122 -17.69 -2.95 8.10
N ILE B 123 -17.92 -1.92 8.91
CA ILE B 123 -18.99 -1.95 9.89
C ILE B 123 -20.35 -1.79 9.22
N PHE B 124 -20.47 -0.86 8.27
CA PHE B 124 -21.66 -0.79 7.42
C PHE B 124 -22.02 -2.15 6.84
N CYS B 125 -21.04 -2.83 6.25
CA CYS B 125 -21.32 -4.11 5.63
C CYS B 125 -21.70 -5.15 6.66
N PHE B 126 -21.12 -5.06 7.86
CA PHE B 126 -21.46 -5.98 8.93
C PHE B 126 -22.75 -5.63 9.68
N GLU B 127 -23.31 -4.44 9.51
CA GLU B 127 -24.56 -4.18 10.20
C GLU B 127 -25.76 -4.20 9.27
N LYS B 128 -25.60 -3.77 8.02
CA LYS B 128 -26.70 -3.56 7.10
C LYS B 128 -26.56 -4.33 5.79
N GLY B 129 -25.52 -5.15 5.63
CA GLY B 129 -25.27 -5.86 4.39
C GLY B 129 -24.47 -5.06 3.38
N PRO B 130 -24.07 -5.72 2.29
CA PRO B 130 -23.21 -5.06 1.28
C PRO B 130 -23.86 -3.89 0.55
N ARG B 131 -25.19 -3.80 0.47
CA ARG B 131 -25.74 -2.66 -0.25
C ARG B 131 -25.49 -1.35 0.46
N LYS B 132 -25.07 -1.39 1.73
CA LYS B 132 -24.73 -0.16 2.44
C LYS B 132 -23.26 0.21 2.30
N VAL B 133 -22.50 -0.45 1.45
CA VAL B 133 -21.11 -0.08 1.24
C VAL B 133 -21.11 1.08 0.25
N ASN B 134 -20.54 2.21 0.66
CA ASN B 134 -20.64 3.41 -0.17
C ASN B 134 -19.83 3.21 -1.45
N PRO B 135 -20.35 3.66 -2.60
CA PRO B 135 -19.59 3.54 -3.85
C PRO B 135 -18.19 4.16 -3.79
N PHE B 136 -18.03 5.25 -3.06
CA PHE B 136 -16.75 5.93 -2.96
C PHE B 136 -15.81 5.29 -1.94
N PHE B 137 -16.17 4.14 -1.38
CA PHE B 137 -15.28 3.48 -0.41
C PHE B 137 -13.89 3.22 -1.00
N ILE B 138 -13.77 2.33 -1.98
CA ILE B 138 -12.43 1.86 -2.47
C ILE B 138 -11.50 3.01 -2.88
N THR B 139 -11.93 3.90 -3.78
CA THR B 139 -11.01 4.95 -4.20
C THR B 139 -10.80 6.00 -3.12
N SER B 140 -11.58 6.00 -2.03
CA SER B 140 -11.26 6.89 -0.92
C SER B 140 -10.16 6.32 -0.02
N ALA B 141 -9.85 5.02 -0.14
CA ALA B 141 -9.01 4.35 0.85
C ALA B 141 -7.67 3.84 0.33
N LEU B 142 -7.54 3.55 -0.97
CA LEU B 142 -6.30 2.96 -1.48
C LEU B 142 -5.16 3.97 -1.39
N VAL B 143 -4.01 3.50 -0.92
CA VAL B 143 -2.84 4.37 -0.74
C VAL B 143 -2.47 5.10 -2.04
N ASN B 144 -2.54 4.42 -3.19
CA ASN B 144 -2.10 5.06 -4.43
C ASN B 144 -3.04 6.14 -4.91
N MET B 145 -4.26 6.19 -4.37
CA MET B 145 -5.16 7.30 -4.68
C MET B 145 -4.59 8.66 -4.25
N ILE B 146 -3.55 8.71 -3.44
CA ILE B 146 -2.84 9.98 -3.29
C ILE B 146 -2.34 10.47 -4.65
N GLY B 147 -1.57 9.62 -5.33
CA GLY B 147 -1.14 9.94 -6.68
C GLY B 147 -2.31 10.03 -7.64
N GLY B 148 -3.40 9.31 -7.37
CA GLY B 148 -4.59 9.41 -8.20
C GLY B 148 -5.20 10.79 -8.18
N PHE B 149 -5.64 11.24 -7.00
CA PHE B 149 -6.24 12.57 -6.89
C PHE B 149 -5.26 13.66 -7.23
N THR B 150 -3.99 13.55 -6.77
CA THR B 150 -3.05 14.63 -7.05
C THR B 150 -2.74 14.72 -8.53
N SER B 151 -2.60 13.59 -9.23
CA SER B 151 -2.30 13.69 -10.65
C SER B 151 -3.45 14.32 -11.43
N ILE B 152 -4.70 14.00 -11.07
CA ILE B 152 -5.84 14.63 -11.75
C ILE B 152 -5.91 16.11 -11.41
N GLU B 153 -5.65 16.46 -10.15
CA GLU B 153 -5.73 17.85 -9.73
C GLU B 153 -4.71 18.73 -10.45
N PHE B 154 -3.49 18.25 -10.67
CA PHE B 154 -2.45 19.06 -11.31
C PHE B 154 -2.17 18.66 -12.76
N GLY B 155 -2.87 17.64 -13.29
CA GLY B 155 -2.64 17.22 -14.66
C GLY B 155 -1.25 16.73 -14.96
N ILE B 156 -0.66 15.94 -14.06
CA ILE B 156 0.66 15.37 -14.31
C ILE B 156 0.50 13.92 -14.72
N LYS B 157 1.15 13.55 -15.82
CA LYS B 157 0.87 12.29 -16.50
C LYS B 157 2.08 11.38 -16.59
N GLY B 158 3.17 11.72 -15.89
CA GLY B 158 4.34 10.87 -15.83
C GLY B 158 4.13 9.65 -14.93
N PRO B 159 5.22 8.92 -14.62
CA PRO B 159 5.10 7.74 -13.76
C PRO B 159 4.36 8.06 -12.48
N ASN B 160 3.39 7.22 -12.14
CA ASN B 160 2.48 7.40 -11.02
C ASN B 160 2.70 6.20 -10.10
N LEU B 161 3.43 6.42 -9.01
CA LEU B 161 4.03 5.35 -8.22
C LEU B 161 3.71 5.53 -6.74
N SER B 162 3.65 4.41 -6.03
CA SER B 162 3.24 4.44 -4.63
C SER B 162 4.01 3.43 -3.80
N SER B 163 4.60 3.92 -2.71
CA SER B 163 5.33 3.11 -1.76
C SER B 163 4.48 2.85 -0.52
N VAL B 164 4.56 1.64 0.04
CA VAL B 164 3.71 1.31 1.17
C VAL B 164 4.52 0.54 2.20
N THR B 165 5.80 0.90 2.33
CA THR B 165 6.70 0.24 3.27
C THR B 165 6.56 0.83 4.68
N ALA B 166 5.36 0.70 5.23
CA ALA B 166 5.06 1.00 6.63
C ALA B 166 5.61 2.38 7.05
N CYS B 167 6.35 2.44 8.13
CA CYS B 167 6.80 3.75 8.67
C CYS B 167 7.98 4.31 7.87
N ALA B 168 8.45 3.61 6.84
CA ALA B 168 9.47 4.19 5.98
C ALA B 168 8.90 4.62 4.61
N ALA B 169 7.57 4.56 4.46
CA ALA B 169 6.96 4.82 3.15
C ALA B 169 7.31 6.20 2.62
N GLY B 170 7.32 7.22 3.49
CA GLY B 170 7.55 8.57 3.01
C GLY B 170 8.96 8.79 2.51
N THR B 171 9.91 8.06 3.07
CA THR B 171 11.29 8.15 2.60
C THR B 171 11.48 7.34 1.32
N HIS B 172 10.87 6.17 1.25
CA HIS B 172 10.95 5.37 0.03
C HIS B 172 10.26 6.07 -1.13
N ALA B 173 9.18 6.82 -0.88
CA ALA B 173 8.55 7.56 -1.97
C ALA B 173 9.50 8.60 -2.55
N ILE B 174 10.35 9.22 -1.70
CA ILE B 174 11.38 10.13 -2.21
C ILE B 174 12.36 9.38 -3.10
N ILE B 175 12.84 8.22 -2.63
CA ILE B 175 13.87 7.47 -3.32
C ILE B 175 13.35 6.92 -4.66
N GLU B 176 12.13 6.38 -4.68
CA GLU B 176 11.60 5.89 -5.95
C GLU B 176 11.49 7.03 -6.98
N ALA B 177 11.14 8.22 -6.51
CA ALA B 177 11.14 9.40 -7.38
C ALA B 177 12.53 9.69 -7.91
N VAL B 178 13.54 9.66 -7.03
CA VAL B 178 14.91 9.86 -7.47
C VAL B 178 15.30 8.82 -8.52
N LYS B 179 15.09 7.54 -8.22
CA LYS B 179 15.41 6.48 -9.17
C LYS B 179 14.78 6.75 -10.54
N THR B 180 13.54 7.22 -10.55
CA THR B 180 12.84 7.41 -11.82
C THR B 180 13.48 8.52 -12.65
N ILE B 181 13.85 9.62 -11.99
CA ILE B 181 14.54 10.70 -12.69
C ILE B 181 15.93 10.26 -13.12
N LEU B 182 16.71 9.65 -12.21
CA LEU B 182 18.02 9.16 -12.59
C LEU B 182 17.99 8.32 -13.85
N LEU B 183 16.94 7.53 -14.10
CA LEU B 183 16.86 6.56 -15.24
C LEU B 183 16.11 7.21 -16.37
N ASN B 184 15.92 8.49 -16.25
CA ASN B 184 15.32 9.25 -17.34
C ASN B 184 13.88 8.82 -17.63
N GLY B 185 13.19 8.33 -16.59
CA GLY B 185 11.76 8.09 -16.72
C GLY B 185 10.90 9.31 -16.51
N ALA B 186 11.52 10.40 -16.06
CA ALA B 186 10.81 11.65 -15.85
C ALA B 186 11.86 12.75 -15.69
N ASP B 187 11.42 13.99 -15.87
CA ASP B 187 12.28 15.12 -15.55
C ASP B 187 11.92 15.78 -14.23
N ARG B 188 10.71 15.52 -13.73
CA ARG B 188 10.22 16.06 -12.47
C ARG B 188 9.29 15.05 -11.82
N MET B 189 9.21 15.11 -10.49
CA MET B 189 8.43 14.16 -9.72
C MET B 189 7.83 14.93 -8.55
N LEU B 190 6.51 14.95 -8.46
CA LEU B 190 5.88 15.36 -7.21
C LEU B 190 6.00 14.20 -6.24
N VAL B 191 6.52 14.46 -5.04
CA VAL B 191 6.67 13.47 -3.99
C VAL B 191 5.80 13.87 -2.81
N VAL B 192 5.03 12.93 -2.27
CA VAL B 192 4.18 13.25 -1.13
C VAL B 192 3.99 12.00 -0.27
N GLY B 193 4.25 12.13 1.02
CA GLY B 193 3.89 11.13 2.01
C GLY B 193 2.74 11.66 2.87
N ALA B 194 1.76 10.81 3.15
CA ALA B 194 0.54 11.26 3.82
C ALA B 194 -0.05 10.12 4.62
N GLU B 195 -0.46 10.41 5.85
CA GLU B 195 -1.01 9.41 6.74
C GLU B 195 -1.98 10.06 7.72
N SER B 196 -3.13 9.42 7.90
CA SER B 196 -4.11 9.87 8.88
C SER B 196 -4.84 8.63 9.37
N THR B 197 -4.44 8.13 10.55
CA THR B 197 -4.97 6.88 11.06
C THR B 197 -5.50 7.01 12.49
N ILE B 198 -5.86 8.21 12.92
CA ILE B 198 -6.36 8.40 14.28
C ILE B 198 -7.82 8.00 14.29
N CYS B 199 -8.07 6.71 14.52
CA CYS B 199 -9.41 6.14 14.47
C CYS B 199 -9.40 4.96 15.41
N PRO B 200 -10.57 4.39 15.74
CA PRO B 200 -10.59 3.33 16.76
C PRO B 200 -9.72 2.14 16.41
N VAL B 201 -9.89 1.54 15.24
CA VAL B 201 -9.07 0.36 14.96
C VAL B 201 -7.61 0.75 14.75
N GLY B 202 -7.32 2.01 14.41
CA GLY B 202 -5.94 2.44 14.30
C GLY B 202 -5.25 2.53 15.65
N ILE B 203 -5.88 3.22 16.60
CA ILE B 203 -5.28 3.31 17.93
C ILE B 203 -5.26 1.94 18.61
N GLY B 204 -6.34 1.18 18.49
CA GLY B 204 -6.39 -0.10 19.17
C GLY B 204 -5.36 -1.08 18.64
N GLY B 205 -5.09 -1.01 17.33
CA GLY B 205 -4.11 -1.89 16.73
C GLY B 205 -2.73 -1.70 17.34
N PHE B 206 -2.32 -0.46 17.54
CA PHE B 206 -0.98 -0.18 18.07
C PHE B 206 -0.98 -0.31 19.59
N ALA B 207 -2.13 -0.11 20.24
CA ALA B 207 -2.22 -0.36 21.67
C ALA B 207 -2.08 -1.83 21.99
N SER B 208 -2.76 -2.69 21.21
CA SER B 208 -2.76 -4.12 21.49
C SER B 208 -1.39 -4.75 21.33
N ILE B 209 -0.43 -4.07 20.71
CA ILE B 209 0.96 -4.52 20.73
C ILE B 209 1.83 -3.65 21.61
N LYS B 210 1.22 -2.81 22.46
CA LYS B 210 1.95 -1.98 23.42
C LYS B 210 2.96 -1.05 22.75
N ALA B 211 2.67 -0.61 21.52
CA ALA B 211 3.59 0.28 20.82
C ALA B 211 3.42 1.74 21.22
N LEU B 212 2.24 2.08 21.69
CA LEU B 212 1.93 3.50 21.97
C LEU B 212 2.23 3.95 23.39
N SER B 213 2.60 5.20 23.60
CA SER B 213 2.71 5.77 24.92
C SER B 213 1.32 5.91 25.55
N THR B 214 1.20 5.54 26.83
CA THR B 214 -0.04 5.68 27.56
C THR B 214 -0.02 6.84 28.57
N ARG B 215 0.85 7.80 28.37
CA ARG B 215 0.91 9.00 29.23
C ARG B 215 -0.22 9.91 28.80
N ASN B 216 -1.43 9.56 29.16
CA ASN B 216 -2.60 10.28 28.65
C ASN B 216 -2.81 11.63 29.32
N ASP B 217 -2.25 11.79 30.51
CA ASP B 217 -2.54 12.97 31.36
C ASP B 217 -1.74 14.15 30.86
N GLU B 218 -0.61 13.78 30.29
CA GLU B 218 0.32 14.77 29.74
C GLU B 218 0.50 14.58 28.23
N PRO B 219 -0.37 15.05 27.31
CA PRO B 219 -0.07 14.89 25.88
C PRO B 219 1.20 15.61 25.42
N LYS B 220 1.70 16.58 26.14
CA LYS B 220 2.82 17.37 25.57
C LYS B 220 4.14 16.85 26.13
N LYS B 221 4.08 15.91 27.07
CA LYS B 221 5.28 15.24 27.53
C LYS B 221 5.36 13.77 27.10
N ALA B 222 4.34 13.27 26.40
CA ALA B 222 4.28 11.84 26.10
C ALA B 222 5.39 11.42 25.14
N SER B 223 5.60 12.17 24.07
CA SER B 223 6.54 11.82 23.01
C SER B 223 7.89 12.44 23.35
N ARG B 224 8.88 11.59 23.62
CA ARG B 224 10.17 12.02 24.16
C ARG B 224 11.28 11.15 23.61
N PRO B 225 11.66 11.36 22.35
CA PRO B 225 12.63 10.46 21.71
C PRO B 225 13.96 10.50 22.43
N PHE B 226 14.51 9.31 22.69
CA PHE B 226 15.81 9.03 23.29
C PHE B 226 15.83 9.27 24.81
N ASP B 227 14.79 9.87 25.39
CA ASP B 227 14.72 10.06 26.83
C ASP B 227 14.61 8.73 27.56
N LYS B 228 15.05 8.73 28.83
CA LYS B 228 14.98 7.51 29.63
C LYS B 228 13.53 7.17 29.99
N ASP B 229 12.65 8.15 30.03
CA ASP B 229 11.24 7.93 30.36
C ASP B 229 10.34 7.70 29.14
N ARG B 230 10.94 7.41 27.98
CA ARG B 230 10.15 7.11 26.76
C ARG B 230 9.39 5.80 26.97
N ASN B 231 8.12 5.77 26.57
CA ASN B 231 7.32 4.57 26.82
C ASN B 231 6.38 4.30 25.63
N GLY B 232 6.84 4.55 24.41
CA GLY B 232 6.04 4.27 23.23
C GLY B 232 5.78 5.47 22.35
N PHE B 233 5.45 5.25 21.07
CA PHE B 233 5.25 6.42 20.23
C PHE B 233 3.87 7.01 20.44
N VAL B 234 3.69 8.20 19.88
CA VAL B 234 2.40 8.88 19.86
C VAL B 234 2.04 9.10 18.40
N MET B 235 0.87 8.62 18.02
CA MET B 235 0.52 8.62 16.61
C MET B 235 0.21 10.04 16.16
N GLY B 236 0.80 10.46 15.05
CA GLY B 236 0.47 11.75 14.48
C GLY B 236 -0.09 11.64 13.07
N GLU B 237 -0.83 12.64 12.61
CA GLU B 237 -1.30 12.71 11.24
C GLU B 237 -0.65 13.89 10.53
N GLY B 238 -0.46 13.77 9.22
CA GLY B 238 0.07 14.86 8.44
C GLY B 238 0.45 14.42 7.04
N ALA B 239 0.96 15.38 6.27
CA ALA B 239 1.53 15.10 4.97
C ALA B 239 2.66 16.07 4.65
N GLY B 240 3.69 15.56 3.99
CA GLY B 240 4.79 16.37 3.51
C GLY B 240 4.94 16.15 2.02
N ALA B 241 5.44 17.17 1.32
CA ALA B 241 5.50 17.12 -0.14
C ALA B 241 6.72 17.85 -0.67
N LEU B 242 7.32 17.28 -1.71
CA LEU B 242 8.49 17.86 -2.38
C LEU B 242 8.26 17.80 -3.87
N VAL B 243 8.78 18.79 -4.58
CA VAL B 243 8.92 18.73 -6.02
C VAL B 243 10.39 18.49 -6.33
N LEU B 244 10.69 17.42 -7.07
CA LEU B 244 12.04 17.14 -7.53
C LEU B 244 12.13 17.41 -9.03
N GLU B 245 13.25 18.00 -9.46
CA GLU B 245 13.48 18.30 -10.86
C GLU B 245 14.92 18.01 -11.20
N GLU B 246 15.13 17.49 -12.41
CA GLU B 246 16.48 17.39 -12.93
C GLU B 246 17.10 18.79 -12.97
N TYR B 247 18.40 18.86 -12.64
CA TYR B 247 19.03 20.13 -12.30
C TYR B 247 18.96 21.14 -13.45
N GLU B 248 19.24 20.68 -14.67
CA GLU B 248 19.29 21.62 -15.80
C GLU B 248 17.90 22.15 -16.13
N SER B 249 16.92 21.27 -16.01
CA SER B 249 15.52 21.67 -16.25
C SER B 249 15.17 22.82 -15.32
N ALA B 250 15.46 22.63 -14.03
CA ALA B 250 15.13 23.65 -13.03
C ALA B 250 15.81 24.97 -13.33
N LYS B 251 17.09 24.92 -13.74
CA LYS B 251 17.82 26.14 -14.08
C LYS B 251 17.17 26.85 -15.26
N LYS B 252 16.92 26.09 -16.34
CA LYS B 252 16.37 26.67 -17.56
C LYS B 252 15.07 27.44 -17.31
N ARG B 253 14.19 26.91 -16.46
CA ARG B 253 12.94 27.60 -16.16
C ARG B 253 13.06 28.54 -14.97
N GLY B 254 14.26 28.74 -14.44
CA GLY B 254 14.46 29.67 -13.34
C GLY B 254 13.80 29.25 -12.04
N ALA B 255 14.16 28.07 -11.53
CA ALA B 255 13.54 27.51 -10.34
C ALA B 255 14.23 27.96 -9.05
N LYS B 256 13.43 28.10 -8.01
CA LYS B 256 13.95 28.15 -6.66
C LYS B 256 14.60 26.82 -6.32
N ILE B 257 15.77 26.86 -5.70
CA ILE B 257 16.53 25.65 -5.41
C ILE B 257 16.73 25.55 -3.90
N TYR B 258 15.93 24.70 -3.25
CA TYR B 258 16.06 24.50 -1.81
C TYR B 258 17.27 23.66 -1.44
N ALA B 259 17.56 22.65 -2.26
CA ALA B 259 18.58 21.66 -1.96
C ALA B 259 18.81 20.84 -3.23
N GLU B 260 19.91 20.10 -3.24
CA GLU B 260 20.19 19.09 -4.24
C GLU B 260 20.14 17.73 -3.58
N PHE B 261 19.51 16.76 -4.24
CA PHE B 261 19.55 15.40 -3.74
C PHE B 261 20.98 14.86 -3.80
N ALA B 262 21.44 14.26 -2.71
CA ALA B 262 22.84 13.81 -2.62
C ALA B 262 23.03 12.30 -2.60
N GLY B 263 22.18 11.54 -1.89
CA GLY B 263 22.43 10.12 -1.73
C GLY B 263 21.28 9.44 -1.02
N TYR B 264 21.18 8.12 -1.21
CA TYR B 264 20.15 7.34 -0.55
C TYR B 264 20.67 5.95 -0.26
N GLY B 265 19.96 5.25 0.63
CA GLY B 265 20.27 3.88 0.97
C GLY B 265 19.03 3.14 1.40
N GLU B 266 18.90 1.88 0.97
CA GLU B 266 17.78 1.04 1.31
C GLU B 266 18.28 -0.35 1.68
N SER B 267 17.66 -0.94 2.69
CA SER B 267 18.06 -2.25 3.19
C SER B 267 16.88 -2.88 3.91
N GLY B 268 17.00 -4.19 4.15
CA GLY B 268 16.08 -4.90 5.02
C GLY B 268 16.85 -5.65 6.09
N ASP B 269 16.25 -5.74 7.28
CA ASP B 269 16.89 -6.48 8.37
C ASP B 269 16.80 -7.99 8.17
N ALA B 270 15.71 -8.50 7.60
CA ALA B 270 15.43 -9.94 7.55
C ALA B 270 15.60 -10.56 8.93
N ASN B 271 15.13 -9.84 9.95
CA ASN B 271 15.26 -10.31 11.32
C ASN B 271 13.88 -10.52 11.95
N HIS B 272 13.09 -9.45 12.14
CA HIS B 272 11.85 -9.55 12.89
C HIS B 272 10.80 -8.61 12.29
N ILE B 273 9.52 -8.97 12.49
CA ILE B 273 8.43 -8.24 11.85
C ILE B 273 8.14 -6.90 12.49
N THR B 274 8.53 -6.68 13.76
CA THR B 274 8.29 -5.39 14.41
C THR B 274 9.54 -4.88 15.11
N ALA B 275 10.33 -5.80 15.66
CA ALA B 275 11.51 -5.39 16.40
C ALA B 275 12.64 -5.06 15.43
N PRO B 276 13.51 -4.12 15.79
CA PRO B 276 14.64 -3.80 14.92
C PRO B 276 15.72 -4.87 15.00
N ALA B 277 16.57 -4.88 13.97
CA ALA B 277 17.70 -5.78 13.94
C ALA B 277 18.62 -5.48 15.13
N PRO B 278 19.31 -6.50 15.67
CA PRO B 278 20.23 -6.23 16.78
C PRO B 278 21.34 -5.29 16.33
N GLU B 279 21.59 -4.26 17.14
CA GLU B 279 22.54 -3.19 16.86
C GLU B 279 22.11 -2.30 15.71
N GLY B 280 20.83 -2.31 15.34
CA GLY B 280 20.38 -1.54 14.19
C GLY B 280 21.12 -1.90 12.92
N GLU B 281 21.45 -3.17 12.75
CA GLU B 281 22.34 -3.61 11.68
C GLU B 281 21.83 -3.19 10.31
N GLY B 282 20.52 -3.37 10.05
CA GLY B 282 19.97 -2.96 8.77
C GLY B 282 20.02 -1.46 8.58
N ALA B 283 19.66 -0.71 9.61
CA ALA B 283 19.78 0.74 9.57
C ALA B 283 21.21 1.19 9.26
N PHE B 284 22.19 0.49 9.84
CA PHE B 284 23.60 0.84 9.59
C PHE B 284 23.94 0.76 8.11
N ARG B 285 23.51 -0.31 7.43
CA ARG B 285 23.85 -0.51 6.03
C ARG B 285 23.19 0.53 5.13
N ALA B 286 21.93 0.89 5.41
CA ALA B 286 21.26 1.91 4.63
C ALA B 286 21.94 3.26 4.81
N MET B 287 22.37 3.54 6.04
CA MET B 287 23.00 4.83 6.35
C MET B 287 24.37 4.92 5.69
N LYS B 288 25.13 3.83 5.72
CA LYS B 288 26.45 3.81 5.11
C LYS B 288 26.37 3.97 3.58
N MET B 289 25.34 3.34 3.03
CA MET B 289 25.17 3.37 1.58
C MET B 289 24.82 4.76 1.12
N ALA B 290 23.98 5.47 1.86
CA ALA B 290 23.64 6.85 1.56
C ALA B 290 24.83 7.77 1.75
N LEU B 291 25.65 7.52 2.78
CA LEU B 291 26.80 8.38 3.01
C LEU B 291 27.87 8.15 1.95
N GLU B 292 28.13 6.89 1.61
CA GLU B 292 29.04 6.58 0.53
C GLU B 292 28.55 7.13 -0.81
N MET B 293 27.27 7.34 -0.94
CA MET B 293 26.78 7.79 -2.25
C MET B 293 26.78 9.32 -2.27
N ALA B 294 26.51 9.97 -1.12
CA ALA B 294 26.44 11.42 -1.13
C ALA B 294 27.83 12.04 -1.16
N LYS B 295 28.79 11.43 -0.45
CA LYS B 295 30.16 11.93 -0.36
C LYS B 295 30.21 13.38 0.09
N VAL B 296 29.40 13.73 1.09
CA VAL B 296 29.42 15.04 1.68
C VAL B 296 29.45 14.88 3.19
N GLU B 297 29.87 15.95 3.86
CA GLU B 297 29.89 15.96 5.31
C GLU B 297 28.49 16.33 5.81
N VAL B 298 27.83 15.38 6.45
CA VAL B 298 26.49 15.61 6.97
C VAL B 298 26.58 16.39 8.27
N GLY B 299 25.93 17.56 8.31
CA GLY B 299 25.98 18.37 9.51
C GLY B 299 24.83 18.17 10.47
N TYR B 300 23.79 17.43 10.07
CA TYR B 300 22.58 17.27 10.86
C TYR B 300 21.85 16.02 10.42
N VAL B 301 21.34 15.27 11.41
CA VAL B 301 20.60 14.05 11.18
C VAL B 301 19.22 14.21 11.80
N ASN B 302 18.18 14.05 11.00
CA ASN B 302 16.82 13.90 11.55
C ASN B 302 16.57 12.41 11.72
N ALA B 303 16.55 11.97 12.97
CA ALA B 303 16.39 10.57 13.27
C ALA B 303 14.93 10.17 13.12
N HIS B 304 14.72 8.90 12.79
CA HIS B 304 13.40 8.29 12.92
C HIS B 304 12.81 8.56 14.30
N GLY B 305 13.55 8.15 15.34
CA GLY B 305 13.30 8.47 16.73
C GLY B 305 11.84 8.55 17.14
N THR B 306 11.16 7.41 17.16
CA THR B 306 9.72 7.38 17.40
C THR B 306 9.33 7.37 18.88
N SER B 307 10.27 7.35 19.82
CA SER B 307 10.00 7.35 21.28
C SER B 307 9.70 5.94 21.77
N THR B 308 10.21 4.95 21.05
CA THR B 308 10.03 3.54 21.48
C THR B 308 11.34 3.14 22.15
N HIS B 309 11.33 2.07 22.93
CA HIS B 309 12.61 1.62 23.49
C HIS B 309 13.57 1.16 22.39
N TYR B 310 13.11 0.28 21.51
CA TYR B 310 14.05 -0.32 20.53
C TYR B 310 14.53 0.69 19.50
N ASN B 311 13.64 1.46 18.90
CA ASN B 311 14.07 2.35 17.79
C ASN B 311 15.14 3.30 18.30
N ASP B 312 14.82 4.06 19.33
CA ASP B 312 15.75 5.10 19.82
C ASP B 312 17.10 4.47 20.16
N LEU B 313 17.08 3.33 20.86
CA LEU B 313 18.36 2.68 21.26
C LEU B 313 19.02 2.09 20.03
N TYR B 314 18.29 1.26 19.27
CA TYR B 314 19.00 0.65 18.15
C TYR B 314 19.34 1.65 17.06
N GLU B 315 18.56 2.75 16.95
CA GLU B 315 18.95 3.79 16.02
C GLU B 315 20.20 4.52 16.51
N SER B 316 20.29 4.78 17.81
CA SER B 316 21.50 5.41 18.35
C SER B 316 22.71 4.53 18.15
N ILE B 317 22.58 3.22 18.40
CA ILE B 317 23.70 2.32 18.18
C ILE B 317 24.16 2.39 16.73
N ALA B 318 23.20 2.31 15.79
CA ALA B 318 23.56 2.30 14.39
C ALA B 318 24.26 3.59 13.97
N LEU B 319 23.81 4.73 14.50
CA LEU B 319 24.44 6.00 14.17
C LEU B 319 25.89 6.06 14.64
N LYS B 320 26.15 5.65 15.86
CA LYS B 320 27.55 5.61 16.29
C LYS B 320 28.32 4.73 15.31
N ASN B 321 27.89 3.47 15.16
CA ASN B 321 28.66 2.53 14.36
C ASN B 321 28.94 3.06 12.96
N VAL B 322 28.02 3.84 12.38
CA VAL B 322 28.26 4.25 11.01
C VAL B 322 29.22 5.44 10.94
N PHE B 323 29.12 6.33 11.94
CA PHE B 323 30.04 7.50 12.01
C PHE B 323 31.31 7.09 12.77
N GLY B 324 31.39 5.83 13.19
CA GLY B 324 32.60 5.34 13.89
C GLY B 324 32.46 5.41 15.40
N SER B 325 32.15 6.59 15.94
CA SER B 325 32.06 6.76 17.42
C SER B 325 30.96 7.76 17.77
N LYS B 326 30.55 7.81 19.04
CA LYS B 326 29.54 8.77 19.46
C LYS B 326 30.04 10.20 19.29
N GLU B 327 31.35 10.43 19.37
CA GLU B 327 31.88 11.78 19.18
C GLU B 327 31.83 12.21 17.72
N LYS B 328 31.82 11.27 16.78
CA LYS B 328 31.81 11.61 15.36
C LYS B 328 30.40 11.72 14.78
N VAL B 329 29.36 11.43 15.55
CA VAL B 329 27.98 11.56 15.05
C VAL B 329 27.62 13.04 15.00
N PRO B 330 27.12 13.54 13.86
CA PRO B 330 26.69 14.95 13.79
C PRO B 330 25.54 15.20 14.73
N PRO B 331 25.19 16.47 15.00
CA PRO B 331 24.00 16.74 15.80
C PRO B 331 22.78 16.00 15.23
N VAL B 332 22.03 15.36 16.13
CA VAL B 332 20.89 14.53 15.79
C VAL B 332 19.68 15.10 16.51
N SER B 333 18.53 15.13 15.82
CA SER B 333 17.30 15.29 16.58
C SER B 333 16.16 14.54 15.91
N SER B 334 15.19 14.12 16.72
CA SER B 334 13.90 13.66 16.27
C SER B 334 12.87 14.75 16.56
N THR B 335 12.07 15.09 15.55
CA THR B 335 10.99 16.03 15.76
C THR B 335 9.67 15.33 16.06
N ALA B 336 9.72 14.03 16.34
CA ALA B 336 8.51 13.28 16.68
C ALA B 336 7.96 13.70 18.03
N GLY B 337 8.79 14.24 18.92
CA GLY B 337 8.28 14.84 20.14
C GLY B 337 7.29 15.97 19.86
N GLN B 338 7.56 16.75 18.82
CA GLN B 338 6.75 17.93 18.52
C GLN B 338 5.42 17.57 17.84
N ILE B 339 5.45 16.70 16.83
CA ILE B 339 4.27 16.43 16.02
C ILE B 339 3.83 14.99 16.09
N GLY B 340 4.42 14.19 16.98
CA GLY B 340 4.17 12.76 16.98
C GLY B 340 4.87 12.09 15.81
N HIS B 341 4.91 10.77 15.87
CA HIS B 341 5.39 10.00 14.73
C HIS B 341 4.25 9.83 13.72
N CYS B 342 4.44 10.34 12.51
CA CYS B 342 3.36 10.32 11.52
C CYS B 342 3.45 9.13 10.56
N LEU B 343 4.05 8.03 11.01
CA LEU B 343 4.05 6.75 10.28
C LEU B 343 4.50 6.91 8.84
N GLY B 344 3.63 6.55 7.88
CA GLY B 344 4.05 6.58 6.48
C GLY B 344 4.40 7.96 6.00
N ALA B 345 3.83 8.99 6.64
CA ALA B 345 4.11 10.36 6.21
C ALA B 345 5.41 10.90 6.80
N ALA B 346 5.93 10.28 7.85
CA ALA B 346 7.07 10.82 8.59
C ALA B 346 8.25 11.10 7.67
N GLY B 347 8.63 10.12 6.84
CA GLY B 347 9.78 10.30 5.97
C GLY B 347 9.68 11.56 5.12
N ALA B 348 8.47 11.89 4.65
CA ALA B 348 8.28 13.06 3.81
C ALA B 348 8.29 14.35 4.65
N LEU B 349 7.58 14.35 5.76
CA LEU B 349 7.62 15.50 6.66
C LEU B 349 9.03 15.79 7.12
N GLU B 350 9.79 14.75 7.45
CA GLU B 350 11.11 14.97 8.02
C GLU B 350 12.15 15.36 6.98
N ALA B 351 11.91 15.06 5.69
CA ALA B 351 12.76 15.62 4.64
C ALA B 351 12.51 17.11 4.46
N VAL B 352 11.25 17.56 4.51
CA VAL B 352 10.95 18.98 4.41
C VAL B 352 11.57 19.73 5.60
N ILE B 353 11.29 19.24 6.81
CA ILE B 353 11.84 19.80 8.03
C ILE B 353 13.37 19.91 7.94
N SER B 354 14.03 18.84 7.48
CA SER B 354 15.49 18.80 7.47
C SER B 354 16.08 19.80 6.49
N ILE B 355 15.47 19.93 5.31
CA ILE B 355 15.95 20.87 4.32
C ILE B 355 15.75 22.31 4.82
N MET B 356 14.64 22.57 5.50
CA MET B 356 14.37 23.89 6.04
C MET B 356 15.37 24.23 7.15
N ALA B 357 15.70 23.24 7.99
CA ALA B 357 16.75 23.44 8.98
C ALA B 357 18.02 23.91 8.30
N MET B 358 18.42 23.22 7.23
CA MET B 358 19.59 23.62 6.46
C MET B 358 19.43 25.02 5.90
N ASN B 359 18.32 25.28 5.19
CA ASN B 359 18.06 26.58 4.60
C ASN B 359 18.23 27.70 5.61
N GLN B 360 17.81 27.48 6.84
CA GLN B 360 17.72 28.54 7.83
C GLN B 360 18.85 28.52 8.84
N GLY B 361 19.74 27.53 8.77
CA GLY B 361 20.75 27.38 9.79
C GLY B 361 20.21 27.14 11.19
N ILE B 362 18.96 26.67 11.29
CA ILE B 362 18.26 26.44 12.56
C ILE B 362 17.95 24.95 12.67
N LEU B 363 18.62 24.27 13.61
CA LEU B 363 18.41 22.84 13.82
C LEU B 363 17.37 22.64 14.91
N PRO B 364 16.19 22.08 14.61
CA PRO B 364 15.15 21.95 15.64
C PRO B 364 15.56 20.96 16.70
N PRO B 365 14.99 21.07 17.90
CA PRO B 365 15.42 20.20 19.00
C PRO B 365 14.58 18.93 19.10
N THR B 366 15.11 17.98 19.87
CA THR B 366 14.29 16.93 20.46
C THR B 366 13.74 17.44 21.79
N ILE B 367 12.43 17.48 21.92
CA ILE B 367 11.80 18.06 23.10
C ILE B 367 11.66 16.98 24.17
N ASN B 368 11.28 17.40 25.38
CA ASN B 368 10.99 16.49 26.49
C ASN B 368 12.20 15.65 26.91
N GLN B 369 13.41 16.19 26.74
CA GLN B 369 14.61 15.55 27.26
C GLN B 369 14.75 15.91 28.73
N GLU B 370 14.34 15.04 29.66
CA GLU B 370 14.37 15.32 31.12
C GLU B 370 15.41 14.43 31.78
N THR B 371 15.47 13.17 31.40
CA THR B 371 16.37 12.23 32.06
C THR B 371 17.27 11.57 31.00
N PRO B 372 18.58 11.82 31.02
CA PRO B 372 19.46 11.17 30.05
C PRO B 372 19.34 9.66 30.14
N ASP B 373 19.30 9.01 28.97
CA ASP B 373 19.39 7.56 28.92
C ASP B 373 20.85 7.18 28.71
N PRO B 374 21.49 6.49 29.66
CA PRO B 374 22.92 6.21 29.49
C PRO B 374 23.22 5.43 28.21
N GLU B 375 22.27 4.65 27.69
CA GLU B 375 22.50 3.93 26.44
C GLU B 375 22.19 4.76 25.21
N CYS B 376 21.47 5.88 25.36
CA CYS B 376 21.24 6.81 24.27
C CYS B 376 22.08 8.05 24.56
N ASP B 377 23.38 7.95 24.24
CA ASP B 377 24.35 8.98 24.60
C ASP B 377 24.87 9.76 23.39
N LEU B 378 23.97 10.27 22.56
CA LEU B 378 24.35 11.18 21.49
C LEU B 378 23.95 12.61 21.86
N ASP B 379 24.31 13.55 20.99
CA ASP B 379 23.86 14.94 21.08
C ASP B 379 22.53 15.04 20.36
N TYR B 380 21.45 15.12 21.13
CA TYR B 380 20.11 15.10 20.57
C TYR B 380 19.51 16.50 20.46
N ILE B 381 20.34 17.52 20.45
CA ILE B 381 19.92 18.93 20.44
C ILE B 381 18.82 19.12 21.47
N PRO B 382 19.06 18.85 22.75
CA PRO B 382 17.96 18.76 23.72
C PRO B 382 17.23 20.09 23.90
N ASN B 383 15.89 20.02 23.80
CA ASN B 383 14.95 21.05 24.25
C ASN B 383 15.01 22.38 23.50
N ALA B 384 16.19 22.86 23.11
CA ALA B 384 16.28 24.16 22.46
C ALA B 384 16.97 24.06 21.11
N ALA B 385 16.41 24.75 20.12
CA ALA B 385 16.97 24.73 18.76
C ALA B 385 18.39 25.27 18.77
N ARG B 386 19.21 24.72 17.89
CA ARG B 386 20.61 25.11 17.78
C ARG B 386 20.84 25.92 16.50
N GLU B 387 21.36 27.13 16.56
CA GLU B 387 21.73 27.90 15.36
C GLU B 387 23.07 27.33 14.95
N LYS B 388 23.16 26.71 13.79
CA LYS B 388 24.34 26.09 13.23
C LYS B 388 24.14 25.95 11.73
N GLN B 389 25.20 26.21 11.01
CA GLN B 389 25.13 26.10 9.56
C GLN B 389 25.54 24.69 9.23
N VAL B 390 24.82 24.06 8.32
CA VAL B 390 25.19 22.74 7.85
C VAL B 390 25.18 22.77 6.33
N ASP B 391 25.98 21.90 5.74
CA ASP B 391 26.00 21.81 4.29
C ASP B 391 25.27 20.60 3.75
N ALA B 392 24.87 19.66 4.62
CA ALA B 392 24.13 18.48 4.19
C ALA B 392 23.36 17.94 5.37
N VAL B 393 22.19 17.35 5.08
CA VAL B 393 21.30 16.77 6.08
C VAL B 393 20.92 15.35 5.68
N MET B 394 20.74 14.50 6.68
CA MET B 394 20.36 13.12 6.45
C MET B 394 19.12 12.78 7.27
N SER B 395 18.18 12.06 6.64
CA SER B 395 16.93 11.65 7.28
C SER B 395 16.79 10.14 7.19
N ASN B 396 16.40 9.52 8.31
CA ASN B 396 16.29 8.07 8.45
C ASN B 396 14.83 7.66 8.61
N SER B 397 14.46 6.53 8.00
CA SER B 397 13.13 5.96 8.25
C SER B 397 13.23 4.45 8.23
N PHE B 398 12.56 3.82 9.19
CA PHE B 398 12.48 2.37 9.28
C PHE B 398 11.02 1.97 9.46
N GLY B 399 10.70 0.76 8.98
CA GLY B 399 9.33 0.29 9.03
C GLY B 399 9.26 -1.15 9.49
N PHE B 400 8.02 -1.49 9.88
CA PHE B 400 7.71 -2.90 10.21
C PHE B 400 8.12 -3.72 8.99
N GLY B 401 8.36 -5.00 9.18
CA GLY B 401 8.98 -5.79 8.16
C GLY B 401 10.48 -5.58 8.05
N GLY B 402 11.05 -4.74 8.91
CA GLY B 402 12.47 -4.48 8.87
C GLY B 402 12.98 -3.71 7.67
N THR B 403 12.18 -2.82 7.10
CA THR B 403 12.57 -2.10 5.89
C THR B 403 13.09 -0.71 6.23
N ASN B 404 14.26 -0.38 5.68
CA ASN B 404 14.99 0.83 6.01
C ASN B 404 15.21 1.69 4.78
N GLY B 405 15.05 3.00 4.96
CA GLY B 405 15.38 3.96 3.93
C GLY B 405 16.05 5.20 4.49
N VAL B 406 17.06 5.72 3.79
CA VAL B 406 17.82 6.88 4.24
C VAL B 406 18.00 7.81 3.06
N VAL B 407 17.83 9.12 3.28
CA VAL B 407 18.13 10.08 2.23
C VAL B 407 19.03 11.18 2.78
N ILE B 408 19.85 11.72 1.89
CA ILE B 408 20.76 12.83 2.16
C ILE B 408 20.55 13.90 1.09
N PHE B 409 20.25 15.11 1.53
CA PHE B 409 20.18 16.29 0.68
C PHE B 409 21.36 17.20 1.02
N LYS B 410 21.82 17.99 0.05
CA LYS B 410 22.95 18.88 0.32
C LYS B 410 22.64 20.28 -0.17
N LYS B 411 23.36 21.25 0.39
CA LYS B 411 23.11 22.65 0.09
C LYS B 411 23.28 22.92 -1.40
N ALA B 412 22.38 23.73 -1.95
CA ALA B 412 22.46 24.13 -3.34
C ALA B 412 23.60 25.13 -3.58
N SER C 4 -51.18 14.54 -0.92
CA SER C 4 -51.89 15.43 -1.86
C SER C 4 -50.89 16.17 -2.76
N MET C 5 -51.32 17.27 -3.38
CA MET C 5 -50.40 18.08 -4.20
C MET C 5 -49.28 18.61 -3.30
N GLY C 6 -49.64 19.04 -2.08
CA GLY C 6 -48.63 19.52 -1.12
C GLY C 6 -47.64 18.43 -0.78
N TYR C 7 -48.13 17.21 -0.57
CA TYR C 7 -47.25 16.05 -0.27
C TYR C 7 -46.29 15.86 -1.45
N LEU C 8 -46.82 15.91 -2.67
CA LEU C 8 -45.98 15.71 -3.87
C LEU C 8 -44.89 16.80 -3.86
N MET C 9 -45.27 18.04 -3.59
CA MET C 9 -44.30 19.17 -3.58
C MET C 9 -43.21 18.91 -2.55
N ALA C 10 -43.60 18.48 -1.34
CA ALA C 10 -42.63 18.20 -0.27
C ALA C 10 -41.65 17.13 -0.74
N LEU C 11 -42.17 16.04 -1.33
CA LEU C 11 -41.30 14.94 -1.81
C LEU C 11 -40.32 15.49 -2.84
N PHE C 12 -40.82 16.27 -3.79
CA PHE C 12 -39.95 16.79 -4.87
C PHE C 12 -38.85 17.65 -4.25
N GLU C 13 -39.20 18.49 -3.27
CA GLU C 13 -38.21 19.40 -2.64
C GLU C 13 -37.15 18.57 -1.90
N ASP C 14 -37.59 17.52 -1.20
CA ASP C 14 -36.62 16.62 -0.50
C ASP C 14 -35.67 16.02 -1.53
N ILE C 15 -36.21 15.56 -2.67
CA ILE C 15 -35.35 14.94 -3.73
C ILE C 15 -34.37 16.00 -4.22
N GLN C 16 -34.84 17.23 -4.42
CA GLN C 16 -33.99 18.34 -4.92
C GLN C 16 -32.84 18.57 -3.94
N ALA C 17 -33.15 18.54 -2.64
CA ALA C 17 -32.12 18.74 -1.60
C ALA C 17 -31.05 17.64 -1.72
N VAL C 18 -31.45 16.38 -1.82
CA VAL C 18 -30.46 15.31 -1.85
C VAL C 18 -29.62 15.40 -3.11
N ILE C 19 -30.28 15.54 -4.27
CA ILE C 19 -29.56 15.68 -5.54
C ILE C 19 -28.68 16.91 -5.53
N ALA C 20 -29.05 17.93 -4.75
CA ALA C 20 -28.26 19.15 -4.69
C ALA C 20 -27.01 18.97 -3.85
N GLU C 21 -27.14 18.34 -2.68
CA GLU C 21 -26.00 18.14 -1.80
C GLU C 21 -25.00 17.16 -2.40
N GLN C 22 -25.49 16.09 -3.03
CA GLN C 22 -24.62 15.04 -3.53
C GLN C 22 -23.75 15.55 -4.68
N LEU C 23 -24.37 16.19 -5.66
CA LEU C 23 -23.67 16.68 -6.83
C LEU C 23 -23.06 18.06 -6.61
N ASN C 24 -23.30 18.66 -5.45
CA ASN C 24 -22.77 19.98 -5.07
C ASN C 24 -23.23 21.06 -6.07
N VAL C 25 -24.55 21.17 -6.21
CA VAL C 25 -25.15 22.14 -7.12
C VAL C 25 -26.36 22.77 -6.45
N ASP C 26 -26.72 23.95 -6.96
CA ASP C 26 -27.89 24.67 -6.48
C ASP C 26 -29.17 23.87 -6.74
N ALA C 27 -30.17 24.09 -5.89
CA ALA C 27 -31.51 23.61 -6.20
C ALA C 27 -32.09 24.26 -7.45
N ALA C 28 -31.39 25.26 -8.00
CA ALA C 28 -31.87 25.93 -9.21
C ALA C 28 -31.82 25.02 -10.42
N GLN C 29 -30.71 24.32 -10.61
CA GLN C 29 -30.50 23.52 -11.82
C GLN C 29 -31.22 22.19 -11.77
N VAL C 30 -31.58 21.70 -10.59
CA VAL C 30 -32.21 20.37 -10.47
C VAL C 30 -33.70 20.59 -10.70
N THR C 31 -34.06 20.63 -11.98
CA THR C 31 -35.44 20.69 -12.46
C THR C 31 -35.83 19.35 -13.02
N PRO C 32 -37.12 19.02 -13.07
CA PRO C 32 -37.55 17.71 -13.58
C PRO C 32 -36.92 17.30 -14.91
N GLU C 33 -36.57 18.26 -15.76
CA GLU C 33 -35.98 17.97 -17.06
C GLU C 33 -34.46 17.94 -17.04
N ALA C 34 -33.84 18.01 -15.87
CA ALA C 34 -32.38 18.09 -15.78
C ALA C 34 -31.76 16.69 -15.86
N GLU C 35 -30.79 16.54 -16.75
CA GLU C 35 -30.07 15.28 -16.93
C GLU C 35 -28.85 15.25 -16.01
N PHE C 36 -28.62 14.11 -15.37
CA PHE C 36 -27.55 14.04 -14.38
C PHE C 36 -26.18 14.28 -15.02
N VAL C 37 -25.89 13.62 -16.12
CA VAL C 37 -24.55 13.74 -16.70
C VAL C 37 -24.42 15.02 -17.51
N LYS C 38 -25.43 15.36 -18.33
CA LYS C 38 -25.35 16.54 -19.15
C LYS C 38 -25.62 17.82 -18.36
N ASP C 39 -26.66 17.83 -17.53
CA ASP C 39 -27.13 19.06 -16.91
C ASP C 39 -26.65 19.25 -15.48
N LEU C 40 -26.19 18.20 -14.80
CA LEU C 40 -25.79 18.31 -13.40
C LEU C 40 -24.32 17.96 -13.16
N GLY C 41 -23.58 17.58 -14.19
CA GLY C 41 -22.15 17.32 -14.03
C GLY C 41 -21.81 16.09 -13.20
N ALA C 42 -22.55 15.01 -13.39
CA ALA C 42 -22.32 13.77 -12.61
C ALA C 42 -21.55 12.73 -13.41
N ASP C 43 -21.35 11.54 -12.83
CA ASP C 43 -20.58 10.46 -13.50
C ASP C 43 -21.11 9.12 -12.98
N SER C 44 -20.58 8.00 -13.48
CA SER C 44 -21.07 6.64 -13.07
C SER C 44 -21.12 6.47 -11.61
N LEU C 45 -20.07 6.92 -10.96
CA LEU C 45 -19.93 6.76 -9.49
C LEU C 45 -20.84 7.72 -8.72
N ASP C 46 -21.13 8.88 -9.29
CA ASP C 46 -21.96 9.90 -8.61
C ASP C 46 -23.42 9.48 -8.69
N VAL C 47 -23.89 9.03 -9.87
CA VAL C 47 -25.30 8.65 -9.96
C VAL C 47 -25.59 7.51 -9.01
N VAL C 48 -24.76 6.46 -9.01
CA VAL C 48 -25.05 5.32 -8.17
C VAL C 48 -24.99 5.71 -6.69
N GLU C 49 -24.12 6.68 -6.35
CA GLU C 49 -24.06 7.15 -4.96
C GLU C 49 -25.23 8.04 -4.61
N LEU C 50 -25.72 8.82 -5.57
CA LEU C 50 -26.96 9.58 -5.34
C LEU C 50 -28.13 8.62 -5.10
N ILE C 51 -28.22 7.58 -5.92
CA ILE C 51 -29.30 6.60 -5.78
C ILE C 51 -29.24 5.94 -4.42
N MET C 52 -28.04 5.66 -3.92
CA MET C 52 -27.92 5.07 -2.59
C MET C 52 -28.43 6.02 -1.51
N ALA C 53 -28.12 7.29 -1.66
CA ALA C 53 -28.49 8.25 -0.62
C ALA C 53 -29.98 8.40 -0.55
N LEU C 54 -30.64 8.37 -1.71
CA LEU C 54 -32.12 8.46 -1.74
C LEU C 54 -32.71 7.22 -1.05
N GLU C 55 -32.20 6.04 -1.38
CA GLU C 55 -32.63 4.79 -0.73
C GLU C 55 -32.36 4.88 0.74
N GLU C 56 -31.82 6.01 1.17
CA GLU C 56 -31.56 6.20 2.61
C GLU C 56 -32.47 7.35 3.10
N LYS C 57 -32.56 8.46 2.37
CA LYS C 57 -33.47 9.57 2.77
C LYS C 57 -34.94 9.18 2.61
N PHE C 58 -35.25 8.25 1.72
CA PHE C 58 -36.69 7.95 1.49
C PHE C 58 -36.95 6.45 1.64
N GLY C 59 -36.53 5.83 2.74
CA GLY C 59 -36.77 4.39 3.03
C GLY C 59 -36.81 3.45 1.85
N ILE C 60 -36.43 3.88 0.65
CA ILE C 60 -36.60 3.04 -0.56
C ILE C 60 -35.51 1.98 -0.74
N GLU C 61 -35.71 1.06 -1.67
CA GLU C 61 -34.69 0.03 -2.00
C GLU C 61 -34.80 -0.23 -3.49
N ILE C 62 -34.54 0.80 -4.27
CA ILE C 62 -34.72 0.70 -5.71
C ILE C 62 -34.02 -0.56 -6.19
N PRO C 63 -34.73 -1.49 -6.84
CA PRO C 63 -34.05 -2.66 -7.41
C PRO C 63 -33.10 -2.26 -8.53
N ASP C 64 -32.07 -3.06 -8.77
CA ASP C 64 -30.98 -2.64 -9.72
C ASP C 64 -31.47 -2.39 -11.15
N GLU C 65 -32.59 -2.97 -11.55
CA GLU C 65 -32.98 -2.78 -12.95
C GLU C 65 -33.64 -1.43 -13.17
N GLN C 66 -34.28 -0.92 -12.14
CA GLN C 66 -34.94 0.36 -12.31
C GLN C 66 -33.94 1.50 -12.31
N ALA C 67 -32.91 1.42 -11.46
CA ALA C 67 -31.83 2.38 -11.51
C ALA C 67 -31.16 2.43 -12.88
N GLU C 68 -31.17 1.35 -13.63
CA GLU C 68 -30.46 1.53 -14.92
C GLU C 68 -31.18 2.63 -15.73
N LYS C 69 -32.52 2.63 -15.80
CA LYS C 69 -33.20 3.57 -16.67
C LYS C 69 -33.47 4.85 -15.86
N ILE C 70 -32.42 5.64 -15.69
CA ILE C 70 -32.48 6.92 -14.97
C ILE C 70 -31.64 7.91 -15.76
N VAL C 71 -32.29 8.85 -16.44
CA VAL C 71 -31.62 9.84 -17.27
C VAL C 71 -31.78 11.25 -16.70
N ASN C 72 -33.00 11.63 -16.36
CA ASN C 72 -33.30 12.94 -15.79
C ASN C 72 -33.81 12.78 -14.36
N VAL C 73 -33.72 13.86 -13.58
CA VAL C 73 -34.15 13.80 -12.15
C VAL C 73 -35.62 13.38 -12.09
N GLY C 74 -36.35 13.66 -13.17
CA GLY C 74 -37.78 13.31 -13.22
C GLY C 74 -38.00 11.82 -13.04
N ASP C 75 -37.15 11.00 -13.65
CA ASP C 75 -37.28 9.53 -13.48
C ASP C 75 -37.27 9.20 -11.99
N VAL C 76 -36.23 9.64 -11.28
CA VAL C 76 -36.11 9.34 -9.83
C VAL C 76 -37.34 9.87 -9.10
N VAL C 77 -37.75 11.10 -9.40
CA VAL C 77 -38.89 11.69 -8.61
C VAL C 77 -40.14 10.82 -8.83
N LYS C 78 -40.41 10.40 -10.06
CA LYS C 78 -41.65 9.64 -10.37
C LYS C 78 -41.55 8.25 -9.72
N TYR C 79 -40.36 7.65 -9.72
CA TYR C 79 -40.22 6.35 -9.01
C TYR C 79 -40.54 6.54 -7.52
N ILE C 80 -40.02 7.61 -6.91
CA ILE C 80 -40.24 7.79 -5.45
C ILE C 80 -41.74 8.05 -5.25
N GLU C 81 -42.40 8.73 -6.21
CA GLU C 81 -43.85 9.00 -6.14
C GLU C 81 -44.60 7.66 -6.12
N ASP C 82 -44.27 6.77 -7.06
CA ASP C 82 -44.97 5.47 -7.14
C ASP C 82 -44.66 4.66 -5.87
N ASN C 83 -43.50 4.87 -5.26
CA ASN C 83 -43.17 4.22 -3.94
C ASN C 83 -44.31 3.30 -3.51
N SER D 4 -12.65 -25.97 44.12
CA SER D 4 -12.26 -27.36 44.48
C SER D 4 -10.92 -27.71 43.82
N MET D 5 -10.24 -28.72 44.35
CA MET D 5 -8.94 -29.16 43.76
C MET D 5 -9.16 -29.63 42.32
N GLY D 6 -10.26 -30.37 42.09
CA GLY D 6 -10.59 -30.82 40.72
C GLY D 6 -10.80 -29.63 39.80
N TYR D 7 -11.53 -28.63 40.27
CA TYR D 7 -11.76 -27.40 39.46
C TYR D 7 -10.40 -26.76 39.13
N LEU D 8 -9.53 -26.67 40.13
CA LEU D 8 -8.19 -26.05 39.92
C LEU D 8 -7.43 -26.84 38.84
N MET D 9 -7.48 -28.16 38.93
CA MET D 9 -6.72 -29.00 37.95
C MET D 9 -7.31 -28.81 36.55
N ALA D 10 -8.64 -28.71 36.45
CA ALA D 10 -9.29 -28.47 35.13
C ALA D 10 -8.81 -27.12 34.57
N LEU D 11 -8.76 -26.10 35.43
CA LEU D 11 -8.29 -24.76 34.98
C LEU D 11 -6.86 -24.90 34.48
N PHE D 12 -6.03 -25.65 35.22
CA PHE D 12 -4.61 -25.83 34.81
C PHE D 12 -4.58 -26.47 33.43
N GLU D 13 -5.35 -27.54 33.23
CA GLU D 13 -5.41 -28.24 31.92
C GLU D 13 -5.76 -27.24 30.82
N ASP D 14 -6.82 -26.45 31.03
CA ASP D 14 -7.27 -25.48 29.99
C ASP D 14 -6.12 -24.52 29.68
N ILE D 15 -5.49 -23.96 30.70
CA ILE D 15 -4.42 -22.94 30.47
C ILE D 15 -3.29 -23.61 29.68
N GLN D 16 -2.92 -24.84 30.06
CA GLN D 16 -1.83 -25.57 29.38
C GLN D 16 -2.18 -25.72 27.90
N ALA D 17 -3.40 -26.20 27.60
CA ALA D 17 -3.83 -26.38 26.21
C ALA D 17 -3.70 -25.05 25.46
N VAL D 18 -4.19 -23.97 26.05
CA VAL D 18 -4.15 -22.65 25.35
C VAL D 18 -2.69 -22.29 25.05
N ILE D 19 -1.82 -22.34 26.05
CA ILE D 19 -0.40 -21.92 25.84
C ILE D 19 0.21 -22.80 24.75
N ALA D 20 -0.14 -24.08 24.73
CA ALA D 20 0.40 -25.03 23.74
C ALA D 20 -0.03 -24.65 22.32
N GLU D 21 -1.32 -24.43 22.10
CA GLU D 21 -1.82 -24.12 20.72
C GLU D 21 -1.25 -22.77 20.24
N GLN D 22 -1.52 -21.71 20.97
CA GLN D 22 -1.09 -20.34 20.58
C GLN D 22 0.42 -20.36 20.28
N LEU D 23 1.17 -21.32 20.81
CA LEU D 23 2.65 -21.26 20.61
C LEU D 23 3.13 -22.53 19.92
N ASN D 24 2.24 -23.23 19.19
CA ASN D 24 2.59 -24.52 18.54
C ASN D 24 3.60 -25.27 19.41
N VAL D 25 3.22 -25.55 20.64
CA VAL D 25 4.08 -26.39 21.52
C VAL D 25 3.17 -27.49 22.07
N ASP D 26 3.72 -28.70 22.25
CA ASP D 26 3.01 -29.80 22.85
C ASP D 26 2.78 -29.55 24.33
N ALA D 27 1.77 -30.23 24.89
CA ALA D 27 1.52 -30.17 26.33
C ALA D 27 2.69 -30.66 27.16
N ALA D 28 3.72 -31.23 26.53
CA ALA D 28 4.89 -31.71 27.24
C ALA D 28 5.63 -30.55 27.91
N GLN D 29 5.86 -29.47 27.17
CA GLN D 29 6.68 -28.38 27.67
C GLN D 29 5.91 -27.41 28.55
N VAL D 30 4.58 -27.40 28.47
CA VAL D 30 3.78 -26.48 29.28
C VAL D 30 3.73 -26.98 30.72
N THR D 31 4.82 -26.77 31.45
CA THR D 31 4.95 -27.10 32.86
C THR D 31 4.99 -25.82 33.69
N PRO D 32 4.63 -25.89 34.97
CA PRO D 32 4.64 -24.67 35.81
C PRO D 32 5.94 -23.89 35.76
N GLU D 33 7.08 -24.56 35.56
CA GLU D 33 8.39 -23.90 35.54
C GLU D 33 8.82 -23.50 34.13
N ALA D 34 7.93 -23.63 33.15
CA ALA D 34 8.27 -23.26 31.77
C ALA D 34 8.09 -21.77 31.57
N GLU D 35 9.21 -21.09 31.29
CA GLU D 35 9.16 -19.64 30.97
C GLU D 35 8.90 -19.57 29.47
N PHE D 36 8.13 -18.57 29.01
CA PHE D 36 7.66 -18.55 27.62
C PHE D 36 8.80 -18.30 26.64
N VAL D 37 9.72 -17.39 26.96
CA VAL D 37 10.71 -17.00 25.96
C VAL D 37 11.83 -18.04 25.86
N LYS D 38 12.31 -18.54 26.99
CA LYS D 38 13.41 -19.51 26.93
C LYS D 38 12.92 -20.94 26.70
N ASP D 39 11.79 -21.32 27.30
CA ASP D 39 11.36 -22.71 27.26
C ASP D 39 10.28 -22.99 26.23
N LEU D 40 9.52 -21.98 25.82
CA LEU D 40 8.42 -22.20 24.88
C LEU D 40 8.59 -21.49 23.55
N GLY D 41 9.65 -20.69 23.38
CA GLY D 41 9.88 -20.04 22.11
C GLY D 41 8.93 -18.91 21.79
N ALA D 42 8.50 -18.10 22.78
CA ALA D 42 7.62 -16.94 22.47
C ALA D 42 8.37 -15.62 22.23
N ASP D 43 7.62 -14.56 21.92
CA ASP D 43 8.22 -13.22 21.68
C ASP D 43 7.27 -12.16 22.27
N SER D 44 7.61 -10.88 22.11
CA SER D 44 6.80 -9.80 22.72
C SER D 44 5.41 -9.82 22.23
N LEU D 45 5.23 -10.26 20.99
CA LEU D 45 3.89 -10.26 20.35
C LEU D 45 3.13 -11.52 20.73
N ASP D 46 3.80 -12.67 20.74
CA ASP D 46 3.14 -13.96 21.07
C ASP D 46 2.62 -13.91 22.51
N VAL D 47 3.42 -13.35 23.42
CA VAL D 47 3.02 -13.31 24.87
C VAL D 47 1.76 -12.46 25.02
N VAL D 48 1.78 -11.24 24.48
CA VAL D 48 0.61 -10.32 24.64
C VAL D 48 -0.60 -10.95 23.97
N GLU D 49 -0.36 -11.80 22.97
CA GLU D 49 -1.49 -12.49 22.28
C GLU D 49 -1.98 -13.67 23.12
N LEU D 50 -1.08 -14.40 23.76
CA LEU D 50 -1.49 -15.47 24.66
C LEU D 50 -2.36 -14.93 25.79
N ILE D 51 -1.96 -13.81 26.39
CA ILE D 51 -2.71 -13.23 27.51
C ILE D 51 -4.10 -12.80 27.06
N MET D 52 -4.29 -12.47 25.81
CA MET D 52 -5.61 -11.96 25.38
C MET D 52 -6.58 -13.13 25.18
N ALA D 53 -6.11 -14.18 24.50
CA ALA D 53 -6.99 -15.34 24.35
C ALA D 53 -7.23 -16.06 25.67
N LEU D 54 -6.40 -15.81 26.69
CA LEU D 54 -6.75 -16.24 28.03
C LEU D 54 -7.95 -15.47 28.55
N GLU D 55 -7.90 -14.14 28.43
CA GLU D 55 -9.03 -13.32 28.85
C GLU D 55 -10.27 -13.61 28.01
N GLU D 56 -10.09 -14.08 26.78
CA GLU D 56 -11.21 -14.36 25.89
C GLU D 56 -11.80 -15.74 26.12
N LYS D 57 -10.95 -16.75 26.39
CA LYS D 57 -11.45 -18.11 26.60
C LYS D 57 -11.98 -18.30 28.02
N PHE D 58 -11.37 -17.65 29.01
CA PHE D 58 -11.83 -17.74 30.39
C PHE D 58 -12.67 -16.56 30.81
N GLY D 59 -13.14 -15.75 29.85
CA GLY D 59 -13.99 -14.61 30.13
C GLY D 59 -13.54 -13.77 31.29
N ILE D 60 -12.24 -13.49 31.34
CA ILE D 60 -11.64 -12.78 32.47
C ILE D 60 -10.93 -11.54 31.93
N GLU D 61 -10.17 -10.84 32.77
CA GLU D 61 -9.50 -9.59 32.31
C GLU D 61 -8.26 -9.32 33.16
N ILE D 62 -7.12 -9.85 32.74
CA ILE D 62 -5.87 -9.69 33.47
C ILE D 62 -5.48 -8.23 33.43
N PRO D 63 -5.43 -7.54 34.57
CA PRO D 63 -4.94 -6.15 34.56
C PRO D 63 -3.49 -6.08 34.11
N ASP D 64 -3.12 -4.92 33.58
CA ASP D 64 -1.84 -4.78 32.88
C ASP D 64 -0.65 -5.02 33.80
N GLU D 65 -0.79 -4.73 35.09
CA GLU D 65 0.35 -4.87 36.01
C GLU D 65 0.73 -6.34 36.18
N GLN D 66 -0.27 -7.19 36.45
CA GLN D 66 0.01 -8.61 36.64
C GLN D 66 0.49 -9.25 35.34
N ALA D 67 -0.13 -8.89 34.21
CA ALA D 67 0.34 -9.36 32.91
C ALA D 67 1.80 -8.99 32.68
N GLU D 68 2.25 -7.86 33.22
CA GLU D 68 3.62 -7.40 33.01
C GLU D 68 4.63 -8.29 33.70
N LYS D 69 4.29 -8.84 34.86
CA LYS D 69 5.21 -9.64 35.64
C LYS D 69 5.25 -11.10 35.22
N ILE D 70 4.44 -11.49 34.23
CA ILE D 70 4.33 -12.89 33.83
C ILE D 70 5.65 -13.34 33.20
N VAL D 71 6.29 -14.35 33.81
CA VAL D 71 7.55 -14.89 33.32
C VAL D 71 7.45 -16.39 33.03
N ASN D 72 6.66 -17.10 33.84
CA ASN D 72 6.46 -18.55 33.56
C ASN D 72 4.99 -18.99 33.61
N VAL D 73 4.74 -20.19 33.10
CA VAL D 73 3.35 -20.76 33.07
C VAL D 73 2.87 -20.88 34.51
N GLY D 74 3.77 -21.29 35.43
CA GLY D 74 3.40 -21.38 36.85
C GLY D 74 2.85 -20.06 37.34
N ASP D 75 3.60 -18.97 37.16
CA ASP D 75 3.12 -17.63 37.56
C ASP D 75 1.75 -17.35 36.92
N VAL D 76 1.63 -17.55 35.61
CA VAL D 76 0.32 -17.18 34.98
C VAL D 76 -0.80 -17.96 35.68
N VAL D 77 -0.63 -19.28 35.87
CA VAL D 77 -1.72 -20.12 36.43
C VAL D 77 -2.03 -19.68 37.86
N LYS D 78 -0.99 -19.36 38.65
CA LYS D 78 -1.20 -18.95 40.06
C LYS D 78 -2.00 -17.65 40.06
N TYR D 79 -1.65 -16.70 39.19
CA TYR D 79 -2.45 -15.45 39.10
C TYR D 79 -3.91 -15.79 38.78
N ILE D 80 -4.11 -16.63 37.76
CA ILE D 80 -5.52 -16.91 37.34
C ILE D 80 -6.28 -17.55 38.52
N GLU D 81 -5.61 -18.41 39.29
CA GLU D 81 -6.26 -19.09 40.44
C GLU D 81 -6.62 -18.05 41.50
N ASP D 82 -5.66 -17.20 41.86
CA ASP D 82 -5.93 -16.11 42.84
C ASP D 82 -7.17 -15.36 42.37
N ASN D 83 -7.27 -15.08 41.06
CA ASN D 83 -8.44 -14.36 40.51
C ASN D 83 -9.36 -13.93 41.67
#